data_3IH0
#
_entry.id   3IH0
#
_cell.length_a   159.170
_cell.length_b   54.070
_cell.length_c   77.720
_cell.angle_alpha   90.00
_cell.angle_beta   110.95
_cell.angle_gamma   90.00
#
_symmetry.space_group_name_H-M   'C 1 2 1'
#
loop_
_entity.id
_entity.type
_entity.pdbx_description
1 polymer 'Uncharacterized sugar kinase PH1459'
2 non-polymer 'PHOSPHOAMINOPHOSPHONIC ACID-ADENYLATE ESTER'
3 non-polymer GLYCEROL
4 water water
#
_entity_poly.entity_id   1
_entity_poly.type   'polypeptide(L)'
_entity_poly.pdbx_seq_one_letter_code
;(MSE)SLIASIGELLIDLISVEEGDLKDVRLFEKHPGGAPANVAVGVSRLGVKSSLISKVGNDPFGEYLIEELSKENVDT
RGIVKDEKKHTGIVFVQLKGASPSFLLYDDVAYFN(MSE)TLNDINWDIVEEAKIVNFGSVILARNPSRETV(MSE)KVI
KKIKGSSLIAFDVNLRLDLWRGQEEE(MSE)IKVLEESIKLADIVKASEEEVLYLENQGVEVKGS(MSE)LTAITLGPKG
FRLIKNETVVDVPSYNVNPLDTTGAGDAF(MSE)AALLVGILKLKGLDLLKLGKFANLVAALSTQKRGAWSTPRKDELLK
YKEAREVLAEGHHHHHH
;
_entity_poly.pdbx_strand_id   A,B
#
loop_
_chem_comp.id
_chem_comp.type
_chem_comp.name
_chem_comp.formula
ANP non-polymer 'PHOSPHOAMINOPHOSPHONIC ACID-ADENYLATE ESTER' 'C10 H17 N6 O12 P3'
GOL non-polymer GLYCEROL 'C3 H8 O3'
#
# COMPACT_ATOMS: atom_id res chain seq x y z
N SER A 2 12.23 32.50 13.31
CA SER A 2 12.22 32.07 11.89
C SER A 2 11.61 30.68 11.77
N LEU A 3 11.00 30.42 10.63
CA LEU A 3 10.34 29.15 10.36
C LEU A 3 10.71 28.64 8.98
N ILE A 4 10.96 27.35 8.88
CA ILE A 4 11.29 26.73 7.61
C ILE A 4 10.15 25.75 7.32
N ALA A 5 9.55 25.86 6.15
CA ALA A 5 8.43 24.99 5.79
C ALA A 5 8.79 24.06 4.63
N SER A 6 8.45 22.79 4.77
CA SER A 6 8.73 21.82 3.71
C SER A 6 7.39 21.39 3.14
N ILE A 7 7.33 21.23 1.83
CA ILE A 7 6.08 20.84 1.22
C ILE A 7 6.34 19.64 0.31
N GLY A 8 5.54 18.60 0.48
CA GLY A 8 5.74 17.44 -0.37
C GLY A 8 5.27 16.11 0.22
N GLU A 9 5.85 15.03 -0.28
CA GLU A 9 5.49 13.69 0.13
C GLU A 9 5.73 13.35 1.60
N LEU A 10 4.74 12.70 2.19
CA LEU A 10 4.81 12.24 3.57
C LEU A 10 4.19 10.86 3.42
N LEU A 11 4.92 9.81 3.79
CA LEU A 11 4.40 8.47 3.60
C LEU A 11 4.96 7.43 4.55
N ILE A 12 4.49 6.21 4.38
CA ILE A 12 4.93 5.08 5.17
C ILE A 12 5.97 4.31 4.36
N ASP A 13 7.17 4.14 4.92
CA ASP A 13 8.22 3.38 4.27
C ASP A 13 8.10 1.95 4.84
N LEU A 14 7.92 0.99 3.96
CA LEU A 14 7.85 -0.40 4.41
C LEU A 14 9.18 -0.98 3.94
N ILE A 15 10.10 -1.06 4.89
CA ILE A 15 11.46 -1.52 4.63
C ILE A 15 11.71 -3.01 4.71
N SER A 16 12.15 -3.60 3.61
CA SER A 16 12.44 -5.03 3.54
C SER A 16 13.41 -5.43 4.67
N VAL A 17 13.03 -6.47 5.41
CA VAL A 17 13.84 -6.99 6.50
C VAL A 17 15.00 -7.82 5.95
N GLU A 18 14.72 -8.60 4.92
CA GLU A 18 15.75 -9.45 4.31
C GLU A 18 16.13 -8.95 2.92
N GLU A 19 17.25 -9.45 2.41
CA GLU A 19 17.70 -9.03 1.08
C GLU A 19 16.91 -9.77 0.03
N GLY A 20 17.03 -9.32 -1.21
CA GLY A 20 16.32 -9.98 -2.29
C GLY A 20 15.37 -9.05 -3.00
N ASP A 21 14.89 -9.49 -4.16
CA ASP A 21 13.94 -8.73 -4.95
C ASP A 21 12.67 -8.48 -4.14
N LEU A 22 12.05 -7.32 -4.34
CA LEU A 22 10.82 -7.00 -3.62
C LEU A 22 9.80 -8.11 -3.82
N LYS A 23 9.82 -8.74 -4.99
CA LYS A 23 8.88 -9.82 -5.26
C LYS A 23 8.96 -10.93 -4.20
N ASP A 24 10.18 -11.22 -3.76
CA ASP A 24 10.42 -12.29 -2.81
C ASP A 24 10.52 -11.92 -1.33
N VAL A 25 10.74 -10.65 -1.03
CA VAL A 25 10.86 -10.20 0.36
C VAL A 25 9.61 -10.61 1.11
N ARG A 26 9.79 -11.19 2.28
CA ARG A 26 8.67 -11.68 3.08
C ARG A 26 8.25 -10.76 4.23
N LEU A 27 9.23 -10.07 4.82
CA LEU A 27 8.99 -9.21 5.97
C LEU A 27 9.34 -7.76 5.72
N PHE A 28 8.48 -6.85 6.19
CA PHE A 28 8.68 -5.41 6.03
C PHE A 28 8.47 -4.67 7.35
N GLU A 29 9.34 -3.69 7.64
CA GLU A 29 9.20 -2.87 8.85
C GLU A 29 8.68 -1.50 8.46
N LYS A 30 7.69 -1.03 9.19
CA LYS A 30 7.07 0.26 8.93
C LYS A 30 7.78 1.42 9.62
N HIS A 31 8.02 2.49 8.85
CA HIS A 31 8.67 3.69 9.35
C HIS A 31 8.18 4.92 8.61
N PRO A 32 8.25 6.09 9.24
CA PRO A 32 7.80 7.33 8.59
C PRO A 32 8.81 7.64 7.48
N GLY A 33 8.36 8.21 6.39
CA GLY A 33 9.29 8.53 5.31
C GLY A 33 8.86 9.72 4.48
N GLY A 34 9.60 9.98 3.41
CA GLY A 34 9.30 11.10 2.54
C GLY A 34 10.32 12.19 2.77
N ALA A 35 11.12 12.49 1.74
CA ALA A 35 12.16 13.51 1.81
C ALA A 35 11.79 14.79 2.53
N PRO A 36 10.72 15.47 2.09
CA PRO A 36 10.30 16.72 2.74
C PRO A 36 10.07 16.54 4.23
N ALA A 37 9.44 15.44 4.58
CA ALA A 37 9.17 15.16 5.98
C ALA A 37 10.49 14.90 6.71
N ASN A 38 11.40 14.17 6.06
CA ASN A 38 12.68 13.86 6.70
C ASN A 38 13.44 15.15 7.02
N VAL A 39 13.43 16.08 6.07
CA VAL A 39 14.08 17.38 6.23
C VAL A 39 13.38 18.18 7.34
N ALA A 40 12.04 18.15 7.36
CA ALA A 40 11.27 18.89 8.38
C ALA A 40 11.70 18.45 9.77
N VAL A 41 11.78 17.15 9.98
CA VAL A 41 12.20 16.61 11.25
C VAL A 41 13.65 17.04 11.56
N GLY A 42 14.51 16.99 10.55
CA GLY A 42 15.90 17.39 10.76
C GLY A 42 16.00 18.84 11.24
N VAL A 43 15.23 19.73 10.61
CA VAL A 43 15.23 21.15 10.97
C VAL A 43 14.80 21.36 12.43
N SER A 44 13.74 20.68 12.84
CA SER A 44 13.24 20.78 14.20
C SER A 44 14.27 20.30 15.23
N ARG A 45 14.96 19.22 14.89
CA ARG A 45 15.97 18.67 15.80
C ARG A 45 17.10 19.66 16.01
N LEU A 46 17.40 20.42 14.96
CA LEU A 46 18.47 21.42 15.01
C LEU A 46 18.02 22.67 15.73
N GLY A 47 16.80 22.63 16.29
CA GLY A 47 16.27 23.75 17.05
C GLY A 47 15.50 24.83 16.32
N VAL A 48 15.21 24.65 15.03
CA VAL A 48 14.47 25.65 14.28
C VAL A 48 13.02 25.25 14.07
N LYS A 49 12.10 26.22 14.17
CA LYS A 49 10.67 25.97 13.97
C LYS A 49 10.47 25.40 12.58
N SER A 50 9.84 24.23 12.49
CA SER A 50 9.66 23.55 11.22
C SER A 50 8.22 23.14 10.94
N SER A 51 7.74 23.44 9.74
CA SER A 51 6.38 23.08 9.36
C SER A 51 6.38 22.18 8.13
N LEU A 52 5.50 21.18 8.13
CA LEU A 52 5.39 20.29 7.00
C LEU A 52 4.01 20.45 6.38
N ILE A 53 3.99 20.68 5.08
CA ILE A 53 2.76 20.84 4.31
C ILE A 53 2.63 19.58 3.48
N SER A 54 1.62 18.76 3.76
CA SER A 54 1.42 17.52 3.00
C SER A 54 0.00 17.04 3.18
N LYS A 55 -0.28 15.83 2.73
CA LYS A 55 -1.63 15.29 2.83
C LYS A 55 -1.55 13.79 3.08
N VAL A 56 -2.27 13.32 4.10
CA VAL A 56 -2.31 11.91 4.42
C VAL A 56 -3.75 11.47 4.34
N GLY A 57 -3.96 10.15 4.44
CA GLY A 57 -5.30 9.62 4.37
C GLY A 57 -5.94 9.65 5.74
N ASN A 58 -7.26 9.53 5.78
CA ASN A 58 -7.99 9.50 7.05
C ASN A 58 -7.97 8.02 7.44
N ASP A 59 -6.80 7.57 7.85
CA ASP A 59 -6.62 6.17 8.22
C ASP A 59 -5.51 6.00 9.26
N PRO A 60 -5.38 4.79 9.83
CA PRO A 60 -4.36 4.54 10.85
C PRO A 60 -2.94 5.01 10.50
N PHE A 61 -2.52 4.84 9.25
CA PHE A 61 -1.17 5.26 8.87
C PHE A 61 -1.04 6.79 8.82
N GLY A 62 -2.13 7.48 8.49
CA GLY A 62 -2.08 8.94 8.46
C GLY A 62 -1.89 9.44 9.88
N GLU A 63 -2.59 8.80 10.81
CA GLU A 63 -2.53 9.14 12.21
C GLU A 63 -1.14 8.85 12.77
N TYR A 64 -0.56 7.75 12.32
CA TYR A 64 0.77 7.34 12.77
C TYR A 64 1.80 8.39 12.39
N LEU A 65 1.73 8.85 11.14
CA LEU A 65 2.70 9.84 10.67
C LEU A 65 2.53 11.14 11.43
N ILE A 66 1.31 11.63 11.57
CA ILE A 66 1.10 12.87 12.29
C ILE A 66 1.62 12.72 13.73
N GLU A 67 1.32 11.61 14.39
CA GLU A 67 1.80 11.42 15.77
C GLU A 67 3.33 11.46 15.80
N GLU A 68 3.97 10.71 14.91
CA GLU A 68 5.42 10.68 14.89
C GLU A 68 6.03 12.06 14.62
N LEU A 69 5.41 12.84 13.75
CA LEU A 69 5.94 14.15 13.45
C LEU A 69 5.81 15.04 14.67
N SER A 70 4.70 14.90 15.38
CA SER A 70 4.46 15.69 16.58
C SER A 70 5.44 15.37 17.69
N LYS A 71 5.89 14.12 17.76
CA LYS A 71 6.85 13.74 18.78
C LYS A 71 8.18 14.44 18.49
N GLU A 72 8.39 14.80 17.23
CA GLU A 72 9.63 15.47 16.82
C GLU A 72 9.45 16.99 16.81
N ASN A 73 8.31 17.44 17.34
CA ASN A 73 8.00 18.86 17.44
C ASN A 73 7.79 19.56 16.11
N VAL A 74 7.41 18.80 15.08
CA VAL A 74 7.17 19.39 13.76
C VAL A 74 5.74 19.92 13.70
N ASP A 75 5.56 21.13 13.20
CA ASP A 75 4.21 21.69 13.12
C ASP A 75 3.43 20.95 12.06
N THR A 76 2.37 20.27 12.48
CA THR A 76 1.56 19.51 11.53
C THR A 76 0.23 20.15 11.14
N ARG A 77 -0.01 21.40 11.53
CA ARG A 77 -1.27 22.05 11.18
C ARG A 77 -1.49 22.03 9.68
N GLY A 78 -0.40 22.07 8.92
CA GLY A 78 -0.52 22.06 7.48
C GLY A 78 -0.66 20.69 6.83
N ILE A 79 -0.87 19.65 7.62
CA ILE A 79 -1.02 18.30 7.07
C ILE A 79 -2.50 18.00 6.99
N VAL A 80 -3.02 17.90 5.77
CA VAL A 80 -4.44 17.65 5.56
C VAL A 80 -4.79 16.17 5.44
N LYS A 81 -5.97 15.79 5.92
CA LYS A 81 -6.41 14.41 5.79
C LYS A 81 -7.32 14.27 4.58
N ASP A 82 -6.98 13.35 3.67
CA ASP A 82 -7.79 13.13 2.48
C ASP A 82 -8.86 12.08 2.78
N GLU A 83 -10.10 12.41 2.46
CA GLU A 83 -11.21 11.50 2.69
C GLU A 83 -11.35 10.50 1.55
N LYS A 84 -10.71 10.79 0.43
CA LYS A 84 -10.81 9.94 -0.75
C LYS A 84 -9.57 9.13 -1.17
N LYS A 85 -8.43 9.39 -0.55
CA LYS A 85 -7.21 8.65 -0.89
C LYS A 85 -6.52 8.19 0.39
N HIS A 86 -5.82 7.07 0.34
CA HIS A 86 -5.14 6.61 1.53
C HIS A 86 -3.71 7.10 1.65
N THR A 87 -3.18 7.00 2.86
CA THR A 87 -1.83 7.42 3.18
C THR A 87 -0.84 6.82 2.22
N GLY A 88 0.09 7.63 1.74
CA GLY A 88 1.07 7.12 0.81
C GLY A 88 1.89 6.01 1.42
N ILE A 89 2.34 5.09 0.58
CA ILE A 89 3.16 3.98 1.02
C ILE A 89 4.16 3.60 -0.05
N VAL A 90 5.32 3.11 0.39
CA VAL A 90 6.34 2.68 -0.53
C VAL A 90 7.05 1.49 0.08
N PHE A 91 7.17 0.43 -0.71
CA PHE A 91 7.83 -0.78 -0.27
C PHE A 91 9.26 -0.59 -0.74
N VAL A 92 10.18 -0.73 0.21
CA VAL A 92 11.59 -0.49 -0.05
C VAL A 92 12.59 -1.61 0.19
N GLN A 93 13.55 -1.72 -0.73
CA GLN A 93 14.66 -2.67 -0.60
C GLN A 93 15.93 -1.80 -0.67
N LEU A 94 16.56 -1.60 0.49
CA LEU A 94 17.77 -0.78 0.57
C LEU A 94 19.02 -1.62 0.36
N LYS A 95 18.91 -2.91 0.64
CA LYS A 95 20.04 -3.83 0.53
C LYS A 95 20.41 -4.26 -0.88
N GLY A 96 21.62 -4.79 -1.04
CA GLY A 96 22.06 -5.26 -2.33
C GLY A 96 22.83 -4.24 -3.16
N ALA A 97 23.33 -4.70 -4.31
CA ALA A 97 24.09 -3.85 -5.21
C ALA A 97 23.14 -2.91 -5.92
N SER A 98 21.89 -3.33 -6.10
CA SER A 98 20.89 -2.49 -6.75
C SER A 98 19.61 -2.33 -5.94
N PRO A 99 19.57 -1.31 -5.06
CA PRO A 99 18.39 -1.05 -4.22
C PRO A 99 17.20 -0.70 -5.11
N SER A 100 15.99 -0.98 -4.63
CA SER A 100 14.79 -0.74 -5.40
C SER A 100 13.60 -0.35 -4.54
N PHE A 101 12.50 0.00 -5.20
CA PHE A 101 11.29 0.37 -4.48
C PHE A 101 10.02 0.22 -5.30
N LEU A 102 8.90 0.15 -4.60
CA LEU A 102 7.60 0.05 -5.26
C LEU A 102 6.76 1.12 -4.57
N LEU A 103 6.65 2.27 -5.22
CA LEU A 103 5.88 3.39 -4.69
C LEU A 103 4.45 3.37 -5.22
N TYR A 104 3.49 3.40 -4.31
CA TYR A 104 2.09 3.41 -4.71
C TYR A 104 1.80 4.85 -5.03
N ASP A 105 1.44 5.13 -6.27
CA ASP A 105 1.22 6.52 -6.64
C ASP A 105 -0.17 7.08 -6.45
N ASP A 106 -1.20 6.24 -6.35
CA ASP A 106 -2.52 6.80 -6.16
C ASP A 106 -2.81 6.87 -4.67
N VAL A 107 -2.17 7.85 -4.05
CA VAL A 107 -2.29 8.07 -2.63
C VAL A 107 -2.52 9.55 -2.29
N ALA A 108 -2.83 9.81 -1.03
CA ALA A 108 -3.16 11.16 -0.58
C ALA A 108 -2.18 12.30 -0.90
N TYR A 109 -0.88 12.10 -0.68
CA TYR A 109 0.05 13.22 -0.92
C TYR A 109 0.18 13.66 -2.38
N PHE A 110 -0.31 12.84 -3.31
CA PHE A 110 -0.24 13.23 -4.72
C PHE A 110 -1.55 13.93 -5.13
N ASN A 111 -2.47 14.02 -4.19
CA ASN A 111 -3.77 14.62 -4.47
C ASN A 111 -4.00 15.96 -3.75
N MSE A 112 -2.95 16.78 -3.64
CA MSE A 112 -3.08 18.08 -2.98
C MSE A 112 -3.59 19.12 -3.95
O MSE A 112 -3.13 19.23 -5.08
CB MSE A 112 -1.73 18.54 -2.43
CG MSE A 112 -1.18 17.68 -1.33
SE MSE A 112 0.47 18.41 -0.68
CE MSE A 112 1.62 17.68 -2.03
N THR A 113 -4.58 19.90 -3.50
CA THR A 113 -5.13 20.95 -4.32
C THR A 113 -4.75 22.28 -3.67
N LEU A 114 -4.98 23.38 -4.37
CA LEU A 114 -4.62 24.69 -3.82
C LEU A 114 -5.29 25.00 -2.49
N ASN A 115 -6.52 24.56 -2.28
CA ASN A 115 -7.19 24.79 -1.01
C ASN A 115 -6.71 23.92 0.13
N ASP A 116 -5.80 22.99 -0.16
CA ASP A 116 -5.24 22.14 0.90
C ASP A 116 -4.07 22.86 1.51
N ILE A 117 -3.51 23.84 0.79
CA ILE A 117 -2.35 24.57 1.26
C ILE A 117 -2.68 25.59 2.34
N ASN A 118 -1.89 25.58 3.41
CA ASN A 118 -2.10 26.55 4.49
C ASN A 118 -1.22 27.74 4.13
N TRP A 119 -1.82 28.71 3.45
CA TRP A 119 -1.09 29.87 3.01
C TRP A 119 -0.46 30.69 4.13
N ASP A 120 -1.06 30.67 5.31
CA ASP A 120 -0.49 31.42 6.42
C ASP A 120 0.90 30.86 6.73
N ILE A 121 0.97 29.54 6.86
CA ILE A 121 2.23 28.88 7.15
C ILE A 121 3.28 29.10 6.07
N VAL A 122 2.87 28.98 4.82
CA VAL A 122 3.78 29.14 3.70
C VAL A 122 4.39 30.54 3.63
N GLU A 123 3.54 31.56 3.74
CA GLU A 123 4.02 32.93 3.66
C GLU A 123 4.89 33.30 4.86
N GLU A 124 4.53 32.80 6.03
CA GLU A 124 5.27 33.08 7.25
C GLU A 124 6.69 32.47 7.24
N ALA A 125 6.91 31.49 6.39
CA ALA A 125 8.21 30.83 6.31
C ALA A 125 9.27 31.69 5.62
N LYS A 126 10.50 31.63 6.12
CA LYS A 126 11.60 32.39 5.54
C LYS A 126 12.19 31.57 4.40
N ILE A 127 12.06 30.27 4.52
CA ILE A 127 12.58 29.35 3.52
C ILE A 127 11.52 28.26 3.30
N VAL A 128 11.26 27.95 2.05
CA VAL A 128 10.29 26.91 1.71
C VAL A 128 11.06 25.89 0.92
N ASN A 129 10.99 24.64 1.37
CA ASN A 129 11.70 23.54 0.75
C ASN A 129 10.79 22.53 0.07
N PHE A 130 11.19 22.07 -1.11
CA PHE A 130 10.43 21.06 -1.84
C PHE A 130 11.38 20.22 -2.69
N GLY A 131 10.88 19.10 -3.20
CA GLY A 131 11.71 18.20 -4.00
C GLY A 131 10.93 17.73 -5.22
N SER A 132 11.56 16.94 -6.08
CA SER A 132 10.90 16.51 -7.30
C SER A 132 9.88 15.37 -7.21
N VAL A 133 10.01 14.49 -6.22
CA VAL A 133 9.08 13.35 -6.12
C VAL A 133 7.61 13.80 -6.15
N ILE A 134 7.26 14.80 -5.34
CA ILE A 134 5.88 15.28 -5.28
C ILE A 134 5.40 15.81 -6.63
N LEU A 135 6.33 16.17 -7.51
CA LEU A 135 5.96 16.69 -8.82
C LEU A 135 5.61 15.57 -9.80
N ALA A 136 5.76 14.33 -9.37
CA ALA A 136 5.51 13.17 -10.22
C ALA A 136 4.09 13.03 -10.74
N ARG A 137 3.11 13.47 -9.96
CA ARG A 137 1.71 13.32 -10.36
C ARG A 137 0.88 14.56 -10.06
N ASN A 138 -0.20 14.72 -10.81
CA ASN A 138 -1.12 15.82 -10.59
C ASN A 138 -2.18 15.26 -9.65
N PRO A 139 -2.91 16.13 -8.94
CA PRO A 139 -2.82 17.59 -8.96
C PRO A 139 -1.67 18.17 -8.15
N SER A 140 -1.05 17.37 -7.29
CA SER A 140 0.03 17.90 -6.48
C SER A 140 1.07 18.70 -7.26
N ARG A 141 1.41 18.25 -8.46
CA ARG A 141 2.41 18.96 -9.25
C ARG A 141 2.04 20.40 -9.54
N GLU A 142 0.89 20.61 -10.14
CA GLU A 142 0.47 21.96 -10.47
C GLU A 142 0.26 22.79 -9.21
N THR A 143 -0.17 22.12 -8.16
CA THR A 143 -0.41 22.79 -6.90
C THR A 143 0.91 23.30 -6.32
N VAL A 144 1.91 22.42 -6.22
CA VAL A 144 3.18 22.83 -5.67
C VAL A 144 3.83 23.93 -6.51
N MSE A 145 3.77 23.82 -7.83
CA MSE A 145 4.35 24.84 -8.68
C MSE A 145 3.69 26.19 -8.46
O MSE A 145 4.37 27.22 -8.40
CB MSE A 145 4.26 24.42 -10.15
CG MSE A 145 5.00 23.13 -10.49
SE MSE A 145 6.92 23.15 -10.06
CE MSE A 145 7.51 24.34 -11.47
N LYS A 146 2.37 26.21 -8.32
CA LYS A 146 1.66 27.47 -8.08
C LYS A 146 2.07 28.13 -6.77
N VAL A 147 2.23 27.31 -5.74
CA VAL A 147 2.61 27.79 -4.43
C VAL A 147 4.00 28.41 -4.47
N ILE A 148 4.95 27.70 -5.08
CA ILE A 148 6.32 28.19 -5.19
C ILE A 148 6.34 29.53 -5.93
N LYS A 149 5.64 29.60 -7.07
CA LYS A 149 5.58 30.83 -7.86
C LYS A 149 4.95 31.99 -7.10
N LYS A 150 3.95 31.69 -6.28
CA LYS A 150 3.27 32.72 -5.51
C LYS A 150 4.09 33.31 -4.36
N ILE A 151 5.04 32.54 -3.83
CA ILE A 151 5.88 33.03 -2.72
C ILE A 151 7.28 33.40 -3.20
N LYS A 152 7.58 33.06 -4.45
CA LYS A 152 8.88 33.37 -5.04
C LYS A 152 9.14 34.87 -4.84
N GLY A 153 10.18 35.18 -4.08
CA GLY A 153 10.51 36.56 -3.84
C GLY A 153 10.17 37.00 -2.43
N SER A 154 9.24 36.29 -1.80
CA SER A 154 8.82 36.62 -0.44
C SER A 154 9.45 35.64 0.54
N SER A 155 10.04 34.57 0.00
CA SER A 155 10.67 33.55 0.82
C SER A 155 11.76 32.88 0.00
N LEU A 156 12.79 32.40 0.67
CA LEU A 156 13.85 31.67 -0.04
C LEU A 156 13.24 30.33 -0.44
N ILE A 157 13.61 29.84 -1.62
CA ILE A 157 13.10 28.58 -2.12
C ILE A 157 14.20 27.55 -2.30
N ALA A 158 14.07 26.41 -1.63
CA ALA A 158 15.08 25.35 -1.73
C ALA A 158 14.53 24.14 -2.48
N PHE A 159 15.34 23.56 -3.34
CA PHE A 159 14.88 22.42 -4.13
C PHE A 159 15.89 21.30 -4.21
N ASP A 160 15.51 20.12 -3.73
CA ASP A 160 16.38 18.95 -3.77
C ASP A 160 15.93 18.11 -4.98
N VAL A 161 16.72 18.16 -6.04
CA VAL A 161 16.40 17.43 -7.25
C VAL A 161 15.85 16.03 -7.01
N ASN A 162 16.42 15.31 -6.04
CA ASN A 162 15.98 13.96 -5.67
C ASN A 162 15.32 13.21 -6.85
N LEU A 163 16.12 12.98 -7.90
CA LEU A 163 15.63 12.36 -9.12
C LEU A 163 15.31 10.87 -9.04
N ARG A 164 14.07 10.52 -9.38
CA ARG A 164 13.62 9.14 -9.37
C ARG A 164 12.97 8.83 -10.72
N LEU A 165 13.76 8.30 -11.66
CA LEU A 165 13.27 8.01 -13.00
C LEU A 165 12.05 7.10 -13.09
N ASP A 166 11.96 6.11 -12.20
CA ASP A 166 10.83 5.19 -12.20
C ASP A 166 9.51 5.94 -12.10
N LEU A 167 9.54 7.10 -11.45
CA LEU A 167 8.33 7.90 -11.25
C LEU A 167 7.90 8.72 -12.46
N TRP A 168 8.71 8.72 -13.52
CA TRP A 168 8.36 9.52 -14.68
C TRP A 168 8.20 8.74 -15.99
N ARG A 169 8.28 7.42 -15.94
CA ARG A 169 8.17 6.67 -17.19
C ARG A 169 6.94 7.11 -17.98
N GLY A 170 7.12 7.27 -19.29
CA GLY A 170 6.01 7.70 -20.12
C GLY A 170 5.91 9.21 -20.18
N GLN A 171 6.55 9.88 -19.24
CA GLN A 171 6.51 11.33 -19.21
C GLN A 171 7.91 11.92 -18.98
N GLU A 172 8.92 11.30 -19.58
CA GLU A 172 10.30 11.75 -19.42
C GLU A 172 10.53 13.18 -19.89
N GLU A 173 9.80 13.59 -20.93
CA GLU A 173 9.93 14.93 -21.47
C GLU A 173 9.28 15.96 -20.54
N GLU A 174 8.09 15.64 -20.05
CA GLU A 174 7.41 16.56 -19.14
C GLU A 174 8.27 16.70 -17.87
N MSE A 175 8.94 15.62 -17.49
CA MSE A 175 9.82 15.62 -16.32
C MSE A 175 10.88 16.71 -16.43
O MSE A 175 11.05 17.53 -15.53
CB MSE A 175 10.50 14.27 -16.17
CG MSE A 175 11.50 14.20 -15.03
SE MSE A 175 12.52 12.53 -15.00
CE MSE A 175 14.15 13.14 -15.85
N ILE A 176 11.61 16.72 -17.55
CA ILE A 176 12.65 17.70 -17.79
C ILE A 176 12.12 19.13 -17.72
N LYS A 177 10.91 19.33 -18.21
CA LYS A 177 10.32 20.65 -18.18
C LYS A 177 10.09 21.11 -16.74
N VAL A 178 9.45 20.26 -15.94
CA VAL A 178 9.16 20.64 -14.57
C VAL A 178 10.41 20.82 -13.72
N LEU A 179 11.41 19.99 -13.95
CA LEU A 179 12.63 20.09 -13.17
C LEU A 179 13.34 21.40 -13.55
N GLU A 180 13.29 21.74 -14.83
CA GLU A 180 13.92 22.96 -15.30
C GLU A 180 13.30 24.16 -14.64
N GLU A 181 11.98 24.22 -14.70
CA GLU A 181 11.24 25.32 -14.12
C GLU A 181 11.43 25.38 -12.60
N SER A 182 11.46 24.23 -11.94
CA SER A 182 11.63 24.20 -10.49
C SER A 182 13.01 24.72 -10.09
N ILE A 183 14.03 24.28 -10.81
CA ILE A 183 15.39 24.72 -10.54
C ILE A 183 15.52 26.24 -10.73
N LYS A 184 14.85 26.76 -11.75
CA LYS A 184 14.91 28.18 -12.04
C LYS A 184 14.15 29.03 -11.02
N LEU A 185 13.27 28.39 -10.25
CA LEU A 185 12.50 29.09 -9.23
C LEU A 185 13.25 28.98 -7.90
N ALA A 186 14.30 28.18 -7.89
CA ALA A 186 15.06 27.92 -6.67
C ALA A 186 16.27 28.79 -6.35
N ASP A 187 16.27 29.37 -5.16
CA ASP A 187 17.39 30.17 -4.67
C ASP A 187 18.48 29.19 -4.21
N ILE A 188 18.04 28.06 -3.68
CA ILE A 188 18.94 27.03 -3.19
C ILE A 188 18.62 25.71 -3.88
N VAL A 189 19.61 25.13 -4.54
CA VAL A 189 19.43 23.85 -5.23
C VAL A 189 20.43 22.83 -4.71
N LYS A 190 19.94 21.62 -4.46
CA LYS A 190 20.76 20.53 -3.96
C LYS A 190 20.62 19.33 -4.90
N ALA A 191 21.75 18.72 -5.26
CA ALA A 191 21.71 17.58 -6.17
C ALA A 191 22.99 16.78 -6.06
N SER A 192 22.94 15.53 -6.49
CA SER A 192 24.13 14.67 -6.45
C SER A 192 24.83 14.86 -7.79
N GLU A 193 26.11 14.51 -7.85
CA GLU A 193 26.85 14.67 -9.09
C GLU A 193 26.23 13.84 -10.21
N GLU A 194 25.65 12.70 -9.88
CA GLU A 194 25.01 11.85 -10.88
C GLU A 194 23.85 12.64 -11.51
N GLU A 195 23.07 13.30 -10.68
CA GLU A 195 21.93 14.08 -11.15
C GLU A 195 22.35 15.26 -12.00
N VAL A 196 23.42 15.95 -11.58
CA VAL A 196 23.91 17.10 -12.33
C VAL A 196 24.29 16.65 -13.74
N LEU A 197 25.02 15.53 -13.83
CA LEU A 197 25.46 14.97 -15.11
C LEU A 197 24.31 14.44 -15.93
N TYR A 198 23.16 14.23 -15.29
CA TYR A 198 22.01 13.73 -16.02
C TYR A 198 21.21 14.88 -16.63
N LEU A 199 20.98 15.93 -15.84
CA LEU A 199 20.23 17.10 -16.30
C LEU A 199 21.01 17.96 -17.29
N GLU A 200 22.16 18.47 -16.87
CA GLU A 200 22.98 19.31 -17.74
C GLU A 200 23.25 18.60 -19.08
N ASN A 201 23.02 17.30 -19.09
CA ASN A 201 23.20 16.48 -20.29
C ASN A 201 21.95 16.50 -21.15
N GLN A 202 20.93 17.23 -20.70
CA GLN A 202 19.70 17.36 -21.44
C GLN A 202 19.36 18.83 -21.59
N GLY A 203 20.39 19.68 -21.42
CA GLY A 203 20.21 21.11 -21.54
C GLY A 203 19.67 21.76 -20.28
N VAL A 204 19.89 21.13 -19.14
CA VAL A 204 19.41 21.65 -17.87
C VAL A 204 20.54 22.06 -16.96
N GLU A 205 20.60 23.34 -16.60
CA GLU A 205 21.65 23.79 -15.71
C GLU A 205 21.20 23.58 -14.25
N VAL A 206 21.99 22.80 -13.51
CA VAL A 206 21.69 22.51 -12.12
C VAL A 206 22.38 23.52 -11.23
N LYS A 207 21.71 24.63 -10.98
CA LYS A 207 22.27 25.69 -10.16
C LYS A 207 21.17 26.51 -9.53
N GLY A 208 21.40 26.94 -8.30
CA GLY A 208 20.43 27.77 -7.61
C GLY A 208 20.79 29.22 -7.89
N SER A 209 19.83 30.12 -7.79
CA SER A 209 20.09 31.53 -8.04
C SER A 209 20.97 32.09 -6.91
N MSE A 210 20.95 31.43 -5.75
CA MSE A 210 21.74 31.91 -4.63
C MSE A 210 22.84 30.95 -4.21
O MSE A 210 23.98 31.36 -3.98
CB MSE A 210 20.83 32.18 -3.43
CG MSE A 210 21.60 32.49 -2.18
SE MSE A 210 20.46 32.59 -0.65
CE MSE A 210 19.92 34.44 -0.82
N LEU A 211 22.50 29.67 -4.09
CA LEU A 211 23.46 28.69 -3.66
C LEU A 211 23.21 27.31 -4.24
N THR A 212 24.29 26.63 -4.60
CA THR A 212 24.19 25.30 -5.16
C THR A 212 25.00 24.31 -4.35
N ALA A 213 24.39 23.18 -4.04
CA ALA A 213 25.05 22.14 -3.27
C ALA A 213 25.06 20.85 -4.09
N ILE A 214 26.26 20.39 -4.42
CA ILE A 214 26.39 19.17 -5.19
C ILE A 214 27.02 18.11 -4.29
N THR A 215 26.32 17.00 -4.08
CA THR A 215 26.86 15.95 -3.23
C THR A 215 27.66 14.94 -4.02
N LEU A 216 28.65 14.35 -3.36
CA LEU A 216 29.52 13.37 -3.97
C LEU A 216 29.53 12.05 -3.20
N GLY A 217 28.39 11.73 -2.59
CA GLY A 217 28.30 10.50 -1.83
C GLY A 217 29.19 10.53 -0.60
N PRO A 218 29.74 9.38 -0.20
CA PRO A 218 30.61 9.28 0.97
C PRO A 218 31.83 10.21 0.91
N LYS A 219 32.30 10.49 -0.29
CA LYS A 219 33.47 11.36 -0.49
C LYS A 219 33.29 12.75 0.11
N GLY A 220 32.08 13.28 0.02
CA GLY A 220 31.81 14.60 0.54
C GLY A 220 30.92 15.41 -0.37
N PHE A 221 30.98 16.74 -0.26
CA PHE A 221 30.15 17.59 -1.09
C PHE A 221 30.87 18.85 -1.57
N ARG A 222 30.16 19.64 -2.37
CA ARG A 222 30.68 20.87 -2.93
C ARG A 222 29.63 21.99 -2.87
N LEU A 223 29.99 23.13 -2.29
CA LEU A 223 29.07 24.26 -2.19
C LEU A 223 29.49 25.34 -3.20
N ILE A 224 28.59 25.68 -4.12
CA ILE A 224 28.87 26.68 -5.14
C ILE A 224 27.98 27.90 -5.06
N LYS A 225 28.60 29.07 -4.98
CA LYS A 225 27.85 30.32 -4.94
C LYS A 225 28.57 31.34 -5.85
N ASN A 226 27.91 31.69 -6.96
CA ASN A 226 28.42 32.63 -7.95
C ASN A 226 29.90 32.39 -8.31
N GLU A 227 30.18 31.30 -9.01
CA GLU A 227 31.55 31.00 -9.46
C GLU A 227 32.52 30.64 -8.31
N THR A 228 32.14 30.86 -7.05
CA THR A 228 33.00 30.49 -5.93
C THR A 228 32.76 29.05 -5.57
N VAL A 229 33.69 28.19 -5.96
CA VAL A 229 33.56 26.76 -5.69
C VAL A 229 34.38 26.23 -4.50
N VAL A 230 33.68 25.74 -3.48
CA VAL A 230 34.30 25.18 -2.28
C VAL A 230 34.07 23.68 -2.19
N ASP A 231 35.15 22.94 -1.96
CA ASP A 231 35.07 21.49 -1.82
C ASP A 231 35.22 21.12 -0.36
N VAL A 232 34.23 20.42 0.17
CA VAL A 232 34.23 20.00 1.55
C VAL A 232 34.37 18.48 1.63
N PRO A 233 35.56 17.97 1.95
CA PRO A 233 35.74 16.52 2.04
C PRO A 233 35.05 16.05 3.31
N SER A 234 34.35 14.91 3.24
CA SER A 234 33.62 14.39 4.38
C SER A 234 34.48 13.99 5.55
N TYR A 235 33.97 14.25 6.76
CA TYR A 235 34.65 13.89 7.99
C TYR A 235 34.69 12.37 8.01
N ASN A 236 35.71 11.79 8.63
CA ASN A 236 35.81 10.35 8.67
C ASN A 236 34.94 9.70 9.74
N VAL A 237 34.12 8.74 9.32
CA VAL A 237 33.25 8.03 10.24
C VAL A 237 32.95 6.63 9.71
N ASN A 238 32.60 5.73 10.62
CA ASN A 238 32.22 4.37 10.24
C ASN A 238 30.71 4.38 10.35
N PRO A 239 30.02 4.51 9.21
CA PRO A 239 28.57 4.56 9.11
C PRO A 239 27.76 3.36 9.59
N LEU A 240 26.71 3.63 10.34
CA LEU A 240 25.82 2.59 10.82
C LEU A 240 24.69 2.46 9.81
N ASP A 241 24.28 3.60 9.25
CA ASP A 241 23.21 3.66 8.28
C ASP A 241 23.28 5.04 7.63
N THR A 242 23.38 5.08 6.32
CA THR A 242 23.47 6.37 5.63
C THR A 242 22.18 6.76 4.92
N THR A 243 21.11 6.02 5.15
CA THR A 243 19.84 6.31 4.50
C THR A 243 19.34 7.75 4.65
N GLY A 244 19.41 8.29 5.86
CA GLY A 244 18.95 9.66 6.06
C GLY A 244 19.98 10.77 5.91
N ALA A 245 21.19 10.44 5.46
CA ALA A 245 22.26 11.43 5.32
C ALA A 245 21.90 12.64 4.43
N GLY A 246 21.35 12.36 3.27
CA GLY A 246 20.97 13.41 2.33
C GLY A 246 20.01 14.42 2.93
N ASP A 247 18.97 13.94 3.57
CA ASP A 247 17.99 14.83 4.17
C ASP A 247 18.55 15.55 5.41
N ALA A 248 19.46 14.90 6.13
CA ALA A 248 20.07 15.51 7.29
C ALA A 248 20.94 16.66 6.78
N PHE A 249 21.61 16.40 5.65
CA PHE A 249 22.48 17.39 5.01
C PHE A 249 21.65 18.60 4.63
N MSE A 250 20.51 18.35 3.97
CA MSE A 250 19.63 19.43 3.54
C MSE A 250 19.13 20.26 4.73
O MSE A 250 19.18 21.49 4.70
CB MSE A 250 18.44 18.86 2.75
CG MSE A 250 17.50 19.91 2.19
SE MSE A 250 18.36 21.16 0.96
CE MSE A 250 17.43 20.69 -0.68
N ALA A 251 18.65 19.58 5.77
CA ALA A 251 18.15 20.26 6.96
C ALA A 251 19.24 21.17 7.53
N ALA A 252 20.46 20.65 7.57
CA ALA A 252 21.58 21.43 8.08
C ALA A 252 21.87 22.60 7.14
N LEU A 253 21.92 22.31 5.84
CA LEU A 253 22.19 23.34 4.84
C LEU A 253 21.20 24.49 4.94
N LEU A 254 19.93 24.16 5.19
CA LEU A 254 18.89 25.18 5.30
C LEU A 254 18.93 25.94 6.63
N VAL A 255 19.29 25.26 7.70
CA VAL A 255 19.38 25.90 9.00
C VAL A 255 20.61 26.82 8.99
N GLY A 256 21.68 26.38 8.35
CA GLY A 256 22.87 27.19 8.27
C GLY A 256 22.60 28.46 7.48
N ILE A 257 21.93 28.32 6.34
CA ILE A 257 21.60 29.45 5.50
C ILE A 257 20.69 30.42 6.23
N LEU A 258 19.84 29.88 7.09
CA LEU A 258 18.92 30.73 7.84
C LEU A 258 19.63 31.47 8.97
N LYS A 259 20.51 30.77 9.69
CA LYS A 259 21.23 31.34 10.82
C LYS A 259 22.42 32.25 10.52
N LEU A 260 23.18 31.90 9.50
CA LEU A 260 24.37 32.68 9.15
C LEU A 260 24.11 34.04 8.52
N LYS A 261 24.55 35.09 9.21
CA LYS A 261 24.38 36.47 8.75
C LYS A 261 24.63 36.49 7.25
N GLY A 262 25.87 36.23 6.87
CA GLY A 262 26.22 36.19 5.47
C GLY A 262 26.15 34.76 4.97
N LEU A 263 26.69 34.53 3.78
CA LEU A 263 26.68 33.18 3.22
C LEU A 263 28.10 32.64 3.22
N ASP A 264 28.70 32.57 4.41
CA ASP A 264 30.06 32.07 4.57
C ASP A 264 30.07 30.58 4.21
N LEU A 265 30.52 30.26 3.01
CA LEU A 265 30.54 28.86 2.58
C LEU A 265 31.42 27.98 3.43
N LEU A 266 32.33 28.59 4.20
CA LEU A 266 33.20 27.82 5.06
C LEU A 266 32.46 27.40 6.33
N LYS A 267 31.80 28.34 6.99
CA LYS A 267 31.06 28.04 8.19
C LYS A 267 29.84 27.19 7.86
N LEU A 268 29.46 27.19 6.58
CA LEU A 268 28.30 26.43 6.15
C LEU A 268 28.71 25.01 5.87
N GLY A 269 29.84 24.88 5.17
CA GLY A 269 30.33 23.56 4.82
C GLY A 269 30.56 22.72 6.04
N LYS A 270 31.33 23.26 7.00
CA LYS A 270 31.69 22.53 8.21
C LYS A 270 30.48 22.07 8.99
N PHE A 271 29.49 22.94 9.09
CA PHE A 271 28.27 22.62 9.80
C PHE A 271 27.57 21.46 9.11
N ALA A 272 27.22 21.63 7.84
CA ALA A 272 26.53 20.58 7.09
C ALA A 272 27.33 19.28 7.07
N ASN A 273 28.64 19.41 6.98
CA ASN A 273 29.52 18.25 6.96
C ASN A 273 29.39 17.47 8.28
N LEU A 274 29.42 18.20 9.38
CA LEU A 274 29.29 17.62 10.71
C LEU A 274 27.94 16.92 10.90
N VAL A 275 26.86 17.63 10.59
CA VAL A 275 25.51 17.08 10.75
C VAL A 275 25.30 15.82 9.92
N ALA A 276 25.75 15.86 8.67
CA ALA A 276 25.62 14.72 7.78
C ALA A 276 26.42 13.53 8.30
N ALA A 277 27.68 13.78 8.64
CA ALA A 277 28.56 12.75 9.16
C ALA A 277 27.98 12.07 10.39
N LEU A 278 27.50 12.87 11.33
CA LEU A 278 26.93 12.33 12.55
C LEU A 278 25.64 11.58 12.30
N SER A 279 24.93 11.96 11.25
CA SER A 279 23.66 11.30 10.94
C SER A 279 23.88 9.83 10.61
N THR A 280 25.05 9.52 10.08
CA THR A 280 25.36 8.14 9.72
C THR A 280 25.46 7.24 10.94
N GLN A 281 25.44 7.84 12.13
CA GLN A 281 25.51 7.07 13.38
C GLN A 281 24.13 6.67 13.90
N LYS A 282 23.06 7.10 13.23
CA LYS A 282 21.70 6.75 13.65
C LYS A 282 21.03 5.99 12.52
N ARG A 283 20.15 5.07 12.88
CA ARG A 283 19.45 4.28 11.88
C ARG A 283 18.17 4.94 11.39
N GLY A 284 17.79 4.62 10.15
CA GLY A 284 16.55 5.16 9.61
C GLY A 284 16.57 6.49 8.86
N ALA A 285 15.41 6.84 8.32
CA ALA A 285 15.23 8.06 7.55
C ALA A 285 15.30 9.36 8.35
N TRP A 286 15.16 9.28 9.68
CA TRP A 286 15.22 10.48 10.55
C TRP A 286 16.48 10.36 11.39
N SER A 287 17.63 10.58 10.76
CA SER A 287 18.90 10.39 11.43
C SER A 287 19.65 11.65 11.80
N THR A 288 19.01 12.81 11.67
CA THR A 288 19.67 14.06 12.01
C THR A 288 19.99 14.16 13.50
N PRO A 289 21.25 14.45 13.86
CA PRO A 289 21.58 14.55 15.28
C PRO A 289 20.82 15.72 15.89
N ARG A 290 20.54 15.64 17.19
CA ARG A 290 19.81 16.70 17.87
C ARG A 290 20.74 17.82 18.32
N LYS A 291 20.17 19.01 18.46
CA LYS A 291 20.97 20.18 18.86
C LYS A 291 21.82 19.90 20.09
N ASP A 292 21.24 19.29 21.12
CA ASP A 292 22.00 19.02 22.33
C ASP A 292 23.25 18.18 22.11
N GLU A 293 23.26 17.34 21.08
CA GLU A 293 24.43 16.51 20.80
C GLU A 293 25.47 17.32 20.00
N LEU A 294 25.00 18.40 19.39
CA LEU A 294 25.85 19.25 18.56
C LEU A 294 26.58 20.38 19.28
N LEU A 295 26.02 20.86 20.39
CA LEU A 295 26.63 21.94 21.15
C LEU A 295 28.03 21.63 21.66
N LYS A 296 28.41 20.35 21.57
CA LYS A 296 29.72 19.89 21.99
C LYS A 296 30.73 20.19 20.89
N TYR A 297 30.24 20.59 19.72
CA TYR A 297 31.11 20.89 18.58
C TYR A 297 31.22 22.38 18.26
N LYS A 298 32.45 22.88 18.10
CA LYS A 298 32.69 24.29 17.82
C LYS A 298 32.02 24.69 16.50
N GLU A 299 32.17 23.86 15.48
CA GLU A 299 31.60 24.14 14.18
C GLU A 299 30.09 24.33 14.24
N ALA A 300 29.44 23.66 15.19
CA ALA A 300 27.99 23.77 15.33
C ALA A 300 27.53 24.98 16.13
N ARG A 301 28.24 25.29 17.21
CA ARG A 301 27.88 26.43 18.05
C ARG A 301 27.86 27.72 17.23
N GLU A 302 28.83 27.85 16.33
CA GLU A 302 28.94 29.01 15.46
C GLU A 302 27.65 29.31 14.71
N VAL A 303 26.86 28.27 14.45
CA VAL A 303 25.61 28.43 13.71
C VAL A 303 24.37 28.48 14.59
N LEU A 304 24.33 27.62 15.61
CA LEU A 304 23.17 27.55 16.50
C LEU A 304 23.26 28.44 17.72
N ALA A 305 24.45 28.58 18.28
CA ALA A 305 24.68 29.39 19.47
C ALA A 305 25.06 30.84 19.15
N SER B 2 -14.80 -30.23 -15.80
CA SER B 2 -15.30 -29.84 -14.46
C SER B 2 -14.54 -28.62 -13.95
N LEU B 3 -14.92 -27.44 -14.43
CA LEU B 3 -14.22 -26.24 -14.03
C LEU B 3 -14.96 -25.35 -13.06
N ILE B 4 -14.21 -24.72 -12.16
CA ILE B 4 -14.76 -23.79 -11.17
C ILE B 4 -13.95 -22.51 -11.36
N ALA B 5 -14.64 -21.42 -11.63
CA ALA B 5 -13.97 -20.15 -11.85
C ALA B 5 -14.35 -19.16 -10.77
N SER B 6 -13.36 -18.46 -10.24
CA SER B 6 -13.59 -17.43 -9.24
C SER B 6 -13.20 -16.10 -9.89
N ILE B 7 -13.99 -15.07 -9.63
CA ILE B 7 -13.71 -13.76 -10.17
C ILE B 7 -13.76 -12.72 -9.07
N GLY B 8 -12.69 -11.96 -8.91
CA GLY B 8 -12.72 -10.96 -7.87
C GLY B 8 -11.36 -10.43 -7.50
N GLU B 9 -11.23 -10.01 -6.25
CA GLU B 9 -10.00 -9.45 -5.73
C GLU B 9 -8.87 -10.46 -5.54
N LEU B 10 -7.67 -10.03 -5.88
CA LEU B 10 -6.44 -10.81 -5.75
C LEU B 10 -5.46 -9.76 -5.26
N LEU B 11 -4.91 -9.96 -4.08
CA LEU B 11 -4.03 -8.96 -3.50
C LEU B 11 -3.00 -9.48 -2.53
N ILE B 12 -2.15 -8.56 -2.09
CA ILE B 12 -1.11 -8.83 -1.13
C ILE B 12 -1.68 -8.52 0.26
N ASP B 13 -1.58 -9.48 1.17
CA ASP B 13 -2.02 -9.31 2.55
C ASP B 13 -0.75 -9.01 3.33
N LEU B 14 -0.70 -7.85 3.98
CA LEU B 14 0.45 -7.53 4.81
C LEU B 14 -0.06 -7.74 6.23
N ILE B 15 0.18 -8.94 6.75
CA ILE B 15 -0.28 -9.33 8.09
C ILE B 15 0.61 -8.91 9.26
N SER B 16 -0.01 -8.25 10.23
CA SER B 16 0.71 -7.79 11.40
C SER B 16 1.35 -8.99 12.11
N VAL B 17 2.63 -8.84 12.46
CA VAL B 17 3.39 -9.87 13.15
C VAL B 17 3.23 -9.73 14.66
N GLU B 18 2.89 -8.53 15.11
CA GLU B 18 2.73 -8.31 16.54
C GLU B 18 1.36 -7.75 16.83
N GLU B 19 1.01 -7.73 18.11
CA GLU B 19 -0.29 -7.25 18.52
C GLU B 19 -0.35 -5.72 18.54
N GLY B 20 -1.57 -5.19 18.58
CA GLY B 20 -1.75 -3.74 18.62
C GLY B 20 -2.51 -3.21 17.42
N ASP B 21 -3.00 -1.98 17.53
CA ASP B 21 -3.73 -1.33 16.44
C ASP B 21 -2.75 -1.17 15.28
N LEU B 22 -3.26 -1.17 14.05
CA LEU B 22 -2.39 -1.04 12.89
C LEU B 22 -1.45 0.16 13.01
N LYS B 23 -1.91 1.21 13.66
CA LYS B 23 -1.10 2.40 13.85
C LYS B 23 0.23 2.09 14.55
N ASP B 24 0.22 1.14 15.48
CA ASP B 24 1.44 0.81 16.21
C ASP B 24 2.16 -0.47 15.80
N VAL B 25 1.66 -1.16 14.77
CA VAL B 25 2.31 -2.38 14.34
C VAL B 25 3.55 -2.01 13.54
N ARG B 26 4.67 -2.62 13.91
CA ARG B 26 5.95 -2.33 13.29
C ARG B 26 6.35 -3.29 12.19
N LEU B 27 6.05 -4.57 12.39
CA LEU B 27 6.44 -5.62 11.46
C LEU B 27 5.26 -6.30 10.76
N PHE B 28 5.37 -6.47 9.45
CA PHE B 28 4.32 -7.11 8.63
C PHE B 28 4.88 -8.26 7.79
N GLU B 29 4.06 -9.29 7.59
CA GLU B 29 4.42 -10.45 6.77
C GLU B 29 3.58 -10.41 5.50
N LYS B 30 4.23 -10.59 4.36
CA LYS B 30 3.57 -10.54 3.08
C LYS B 30 3.07 -11.93 2.66
N HIS B 31 1.79 -12.02 2.30
CA HIS B 31 1.17 -13.28 1.86
C HIS B 31 0.14 -12.98 0.78
N PRO B 32 -0.18 -13.98 -0.06
CA PRO B 32 -1.18 -13.73 -1.10
C PRO B 32 -2.54 -13.74 -0.40
N GLY B 33 -3.48 -12.94 -0.88
CA GLY B 33 -4.80 -12.89 -0.26
C GLY B 33 -5.93 -12.58 -1.23
N GLY B 34 -7.13 -12.42 -0.68
CA GLY B 34 -8.28 -12.15 -1.53
C GLY B 34 -9.18 -13.37 -1.54
N ALA B 35 -10.36 -13.24 -0.96
CA ALA B 35 -11.33 -14.35 -0.87
C ALA B 35 -11.40 -15.22 -2.13
N PRO B 36 -11.73 -14.61 -3.29
CA PRO B 36 -11.82 -15.38 -4.55
C PRO B 36 -10.57 -16.19 -4.87
N ALA B 37 -9.40 -15.61 -4.60
CA ALA B 37 -8.15 -16.30 -4.86
C ALA B 37 -7.97 -17.41 -3.82
N ASN B 38 -8.38 -17.14 -2.59
CA ASN B 38 -8.25 -18.14 -1.53
C ASN B 38 -9.11 -19.37 -1.86
N VAL B 39 -10.30 -19.14 -2.37
CA VAL B 39 -11.20 -20.23 -2.74
C VAL B 39 -10.65 -20.99 -3.96
N ALA B 40 -10.14 -20.23 -4.94
CA ALA B 40 -9.57 -20.82 -6.15
C ALA B 40 -8.44 -21.82 -5.82
N VAL B 41 -7.61 -21.44 -4.86
CA VAL B 41 -6.51 -22.28 -4.42
C VAL B 41 -7.09 -23.50 -3.68
N GLY B 42 -8.14 -23.29 -2.89
CA GLY B 42 -8.75 -24.39 -2.17
C GLY B 42 -9.35 -25.42 -3.13
N VAL B 43 -10.10 -24.93 -4.10
CA VAL B 43 -10.71 -25.78 -5.09
C VAL B 43 -9.62 -26.63 -5.75
N SER B 44 -8.52 -25.98 -6.12
CA SER B 44 -7.42 -26.69 -6.75
C SER B 44 -6.84 -27.77 -5.85
N ARG B 45 -6.65 -27.46 -4.57
CA ARG B 45 -6.11 -28.42 -3.65
C ARG B 45 -7.02 -29.64 -3.46
N LEU B 46 -8.31 -29.47 -3.71
CA LEU B 46 -9.25 -30.56 -3.58
C LEU B 46 -9.26 -31.41 -4.85
N GLY B 47 -8.40 -31.07 -5.81
CA GLY B 47 -8.29 -31.82 -7.05
C GLY B 47 -9.13 -31.40 -8.24
N VAL B 48 -9.73 -30.22 -8.16
CA VAL B 48 -10.57 -29.72 -9.24
C VAL B 48 -9.86 -28.60 -10.00
N LYS B 49 -9.88 -28.64 -11.33
CA LYS B 49 -9.21 -27.60 -12.12
C LYS B 49 -9.80 -26.24 -11.70
N SER B 50 -8.93 -25.26 -11.45
CA SER B 50 -9.36 -23.96 -10.96
C SER B 50 -8.83 -22.79 -11.78
N SER B 51 -9.65 -21.75 -11.94
CA SER B 51 -9.25 -20.56 -12.68
C SER B 51 -9.61 -19.31 -11.88
N LEU B 52 -8.79 -18.28 -12.01
CA LEU B 52 -9.04 -17.02 -11.30
C LEU B 52 -9.06 -15.86 -12.29
N ILE B 53 -10.12 -15.07 -12.26
CA ILE B 53 -10.25 -13.91 -13.12
C ILE B 53 -10.02 -12.68 -12.24
N SER B 54 -8.94 -11.95 -12.48
CA SER B 54 -8.66 -10.77 -11.67
C SER B 54 -7.66 -9.86 -12.39
N LYS B 55 -7.12 -8.89 -11.66
CA LYS B 55 -6.18 -8.00 -12.30
C LYS B 55 -5.15 -7.53 -11.29
N VAL B 56 -3.88 -7.60 -11.66
CA VAL B 56 -2.81 -7.16 -10.77
C VAL B 56 -2.03 -6.08 -11.49
N GLY B 57 -1.14 -5.42 -10.79
CA GLY B 57 -0.37 -4.39 -11.45
C GLY B 57 0.87 -4.96 -12.10
N ASN B 58 1.50 -4.17 -12.98
CA ASN B 58 2.73 -4.59 -13.64
C ASN B 58 3.85 -4.21 -12.67
N ASP B 59 3.96 -4.99 -11.61
CA ASP B 59 4.95 -4.76 -10.56
C ASP B 59 5.32 -6.06 -9.83
N PRO B 60 6.39 -6.01 -9.03
CA PRO B 60 6.87 -7.15 -8.26
C PRO B 60 5.79 -7.94 -7.52
N PHE B 61 4.85 -7.24 -6.89
CA PHE B 61 3.82 -7.95 -6.15
C PHE B 61 2.83 -8.67 -7.06
N GLY B 62 2.55 -8.10 -8.23
CA GLY B 62 1.64 -8.77 -9.15
C GLY B 62 2.31 -10.04 -9.64
N GLU B 63 3.62 -9.95 -9.87
CA GLU B 63 4.40 -11.09 -10.33
C GLU B 63 4.38 -12.15 -9.24
N TYR B 64 4.56 -11.72 -7.99
CA TYR B 64 4.57 -12.63 -6.86
C TYR B 64 3.27 -13.42 -6.74
N LEU B 65 2.14 -12.75 -6.87
CA LEU B 65 0.84 -13.43 -6.78
C LEU B 65 0.64 -14.44 -7.90
N ILE B 66 0.97 -14.08 -9.13
CA ILE B 66 0.81 -15.02 -10.23
C ILE B 66 1.69 -16.25 -9.94
N GLU B 67 2.93 -16.02 -9.49
CA GLU B 67 3.83 -17.13 -9.19
C GLU B 67 3.25 -18.06 -8.13
N GLU B 68 2.78 -17.48 -7.03
CA GLU B 68 2.22 -18.29 -5.96
C GLU B 68 0.99 -19.06 -6.42
N LEU B 69 0.15 -18.42 -7.23
CA LEU B 69 -1.04 -19.09 -7.74
C LEU B 69 -0.64 -20.22 -8.67
N SER B 70 0.41 -20.01 -9.47
CA SER B 70 0.89 -21.03 -10.38
C SER B 70 1.37 -22.27 -9.62
N LYS B 71 2.05 -22.06 -8.51
CA LYS B 71 2.53 -23.17 -7.71
C LYS B 71 1.38 -24.04 -7.19
N GLU B 72 0.20 -23.45 -7.02
CA GLU B 72 -0.97 -24.19 -6.54
C GLU B 72 -1.78 -24.74 -7.71
N ASN B 73 -1.23 -24.60 -8.91
CA ASN B 73 -1.88 -25.10 -10.11
C ASN B 73 -3.18 -24.38 -10.47
N VAL B 74 -3.33 -23.14 -10.03
CA VAL B 74 -4.52 -22.37 -10.37
C VAL B 74 -4.29 -21.70 -11.72
N ASP B 75 -5.22 -21.88 -12.65
CA ASP B 75 -5.08 -21.28 -13.98
C ASP B 75 -5.02 -19.76 -13.84
N THR B 76 -3.92 -19.16 -14.29
CA THR B 76 -3.74 -17.73 -14.18
C THR B 76 -3.91 -16.95 -15.47
N ARG B 77 -4.37 -17.61 -16.53
CA ARG B 77 -4.55 -16.94 -17.81
C ARG B 77 -5.50 -15.75 -17.76
N GLY B 78 -6.50 -15.85 -16.90
CA GLY B 78 -7.49 -14.78 -16.77
C GLY B 78 -7.09 -13.63 -15.85
N ILE B 79 -5.84 -13.61 -15.42
CA ILE B 79 -5.36 -12.55 -14.55
C ILE B 79 -4.65 -11.53 -15.44
N VAL B 80 -5.22 -10.34 -15.57
CA VAL B 80 -4.62 -9.32 -16.41
C VAL B 80 -3.69 -8.40 -15.62
N LYS B 81 -2.66 -7.87 -16.28
CA LYS B 81 -1.71 -6.94 -15.66
C LYS B 81 -2.12 -5.53 -16.02
N ASP B 82 -2.29 -4.67 -15.00
CA ASP B 82 -2.68 -3.29 -15.22
C ASP B 82 -1.43 -2.41 -15.30
N GLU B 83 -1.31 -1.63 -16.37
CA GLU B 83 -0.15 -0.75 -16.54
C GLU B 83 -0.23 0.53 -15.73
N LYS B 84 -1.44 0.90 -15.31
CA LYS B 84 -1.63 2.13 -14.55
C LYS B 84 -1.78 1.93 -13.05
N LYS B 85 -2.52 0.90 -12.66
CA LYS B 85 -2.78 0.65 -11.24
C LYS B 85 -1.89 -0.45 -10.67
N HIS B 86 -1.45 -0.27 -9.44
CA HIS B 86 -0.61 -1.25 -8.80
C HIS B 86 -1.41 -2.35 -8.09
N THR B 87 -0.72 -3.46 -7.83
CA THR B 87 -1.29 -4.62 -7.19
C THR B 87 -2.03 -4.26 -5.91
N GLY B 88 -3.18 -4.87 -5.71
CA GLY B 88 -3.94 -4.56 -4.51
C GLY B 88 -3.21 -4.96 -3.25
N ILE B 89 -3.40 -4.20 -2.17
CA ILE B 89 -2.76 -4.53 -0.91
C ILE B 89 -3.71 -4.21 0.23
N VAL B 90 -3.54 -4.91 1.33
CA VAL B 90 -4.35 -4.67 2.51
C VAL B 90 -3.48 -4.96 3.73
N PHE B 91 -3.50 -4.05 4.69
CA PHE B 91 -2.72 -4.21 5.90
C PHE B 91 -3.69 -4.79 6.89
N VAL B 92 -3.34 -5.93 7.48
CA VAL B 92 -4.27 -6.56 8.40
C VAL B 92 -3.77 -6.88 9.80
N GLN B 93 -4.67 -6.82 10.76
CA GLN B 93 -4.37 -7.19 12.13
C GLN B 93 -5.42 -8.22 12.48
N LEU B 94 -4.99 -9.48 12.53
CA LEU B 94 -5.89 -10.59 12.83
C LEU B 94 -5.99 -10.86 14.32
N LYS B 95 -4.98 -10.44 15.07
CA LYS B 95 -4.94 -10.67 16.51
C LYS B 95 -5.90 -9.79 17.32
N GLY B 96 -6.02 -10.12 18.61
CA GLY B 96 -6.87 -9.35 19.50
C GLY B 96 -8.36 -9.51 19.34
N ALA B 97 -9.08 -8.94 20.29
CA ALA B 97 -10.54 -9.00 20.29
C ALA B 97 -11.15 -8.13 19.20
N SER B 98 -10.33 -7.24 18.62
CA SER B 98 -10.82 -6.36 17.58
C SER B 98 -10.02 -6.39 16.29
N PRO B 99 -10.14 -7.47 15.50
CA PRO B 99 -9.39 -7.56 14.25
C PRO B 99 -9.74 -6.38 13.35
N SER B 100 -8.74 -5.85 12.66
CA SER B 100 -8.96 -4.70 11.80
C SER B 100 -8.15 -4.78 10.51
N PHE B 101 -8.44 -3.88 9.58
CA PHE B 101 -7.72 -3.87 8.32
C PHE B 101 -7.77 -2.51 7.65
N LEU B 102 -6.80 -2.29 6.76
CA LEU B 102 -6.70 -1.06 5.98
C LEU B 102 -6.46 -1.52 4.55
N LEU B 103 -7.51 -1.45 3.73
CA LEU B 103 -7.46 -1.89 2.34
C LEU B 103 -7.31 -0.72 1.38
N TYR B 104 -6.30 -0.79 0.53
CA TYR B 104 -6.06 0.25 -0.46
C TYR B 104 -6.95 0.01 -1.65
N ASP B 105 -7.91 0.91 -1.88
CA ASP B 105 -8.86 0.73 -2.96
C ASP B 105 -8.48 1.22 -4.34
N ASP B 106 -7.52 2.13 -4.46
CA ASP B 106 -7.13 2.60 -5.79
C ASP B 106 -6.08 1.63 -6.35
N VAL B 107 -6.51 0.42 -6.68
CA VAL B 107 -5.61 -0.61 -7.17
C VAL B 107 -6.14 -1.40 -8.37
N ALA B 108 -5.28 -2.26 -8.89
CA ALA B 108 -5.57 -3.06 -10.07
C ALA B 108 -6.87 -3.86 -10.10
N TYR B 109 -7.12 -4.67 -9.08
CA TYR B 109 -8.33 -5.48 -9.14
C TYR B 109 -9.65 -4.73 -9.13
N PHE B 110 -9.64 -3.46 -8.71
CA PHE B 110 -10.87 -2.65 -8.72
C PHE B 110 -10.99 -1.93 -10.07
N ASN B 111 -10.02 -2.15 -10.95
CA ASN B 111 -10.01 -1.49 -12.24
C ASN B 111 -10.28 -2.41 -13.43
N MSE B 112 -11.08 -3.46 -13.22
CA MSE B 112 -11.40 -4.40 -14.30
C MSE B 112 -12.54 -3.86 -15.15
O MSE B 112 -13.56 -3.40 -14.63
CB MSE B 112 -11.80 -5.76 -13.75
CG MSE B 112 -10.66 -6.70 -13.42
SE MSE B 112 -11.31 -8.47 -12.96
CE MSE B 112 -11.66 -8.11 -11.10
N THR B 113 -12.34 -3.93 -16.46
CA THR B 113 -13.34 -3.48 -17.42
C THR B 113 -13.63 -4.66 -18.36
N LEU B 114 -14.80 -4.67 -18.96
CA LEU B 114 -15.20 -5.76 -19.84
C LEU B 114 -14.15 -6.30 -20.81
N ASN B 115 -13.26 -5.44 -21.32
CA ASN B 115 -12.25 -5.91 -22.24
C ASN B 115 -11.14 -6.72 -21.56
N ASP B 116 -11.13 -6.74 -20.23
CA ASP B 116 -10.12 -7.49 -19.48
C ASP B 116 -10.54 -8.96 -19.27
N ILE B 117 -11.83 -9.22 -19.40
CA ILE B 117 -12.38 -10.56 -19.18
C ILE B 117 -12.06 -11.60 -20.25
N ASN B 118 -11.52 -12.73 -19.82
CA ASN B 118 -11.24 -13.83 -20.75
C ASN B 118 -12.51 -14.69 -20.76
N TRP B 119 -13.39 -14.42 -21.71
CA TRP B 119 -14.67 -15.13 -21.80
C TRP B 119 -14.55 -16.63 -22.02
N ASP B 120 -13.50 -17.07 -22.70
CA ASP B 120 -13.34 -18.49 -22.91
C ASP B 120 -13.27 -19.23 -21.58
N ILE B 121 -12.51 -18.67 -20.64
CA ILE B 121 -12.32 -19.26 -19.32
C ILE B 121 -13.60 -19.34 -18.50
N VAL B 122 -14.33 -18.24 -18.40
CA VAL B 122 -15.56 -18.21 -17.62
C VAL B 122 -16.70 -18.99 -18.24
N GLU B 123 -16.75 -19.09 -19.57
CA GLU B 123 -17.81 -19.83 -20.22
C GLU B 123 -17.55 -21.33 -20.12
N GLU B 124 -16.30 -21.67 -19.83
CA GLU B 124 -15.89 -23.05 -19.67
C GLU B 124 -16.20 -23.60 -18.27
N ALA B 125 -16.46 -22.70 -17.33
CA ALA B 125 -16.73 -23.10 -15.95
C ALA B 125 -18.17 -23.59 -15.69
N LYS B 126 -18.32 -24.56 -14.79
CA LYS B 126 -19.64 -25.08 -14.43
C LYS B 126 -20.20 -24.24 -13.28
N ILE B 127 -19.29 -23.67 -12.50
CA ILE B 127 -19.65 -22.83 -11.39
C ILE B 127 -18.71 -21.63 -11.41
N VAL B 128 -19.27 -20.43 -11.27
CA VAL B 128 -18.47 -19.22 -11.23
C VAL B 128 -18.74 -18.61 -9.87
N ASN B 129 -17.68 -18.38 -9.12
CA ASN B 129 -17.78 -17.83 -7.78
C ASN B 129 -17.29 -16.39 -7.67
N PHE B 130 -18.02 -15.57 -6.92
CA PHE B 130 -17.64 -14.17 -6.72
C PHE B 130 -18.15 -13.65 -5.37
N GLY B 131 -17.54 -12.57 -4.88
CA GLY B 131 -17.92 -12.01 -3.59
C GLY B 131 -18.26 -10.54 -3.67
N SER B 132 -18.67 -9.96 -2.55
CA SER B 132 -19.06 -8.55 -2.54
C SER B 132 -17.92 -7.55 -2.50
N VAL B 133 -16.76 -7.96 -2.01
CA VAL B 133 -15.61 -7.06 -1.92
C VAL B 133 -15.26 -6.42 -3.25
N ILE B 134 -15.22 -7.22 -4.31
CA ILE B 134 -14.90 -6.74 -5.66
C ILE B 134 -15.92 -5.74 -6.18
N LEU B 135 -17.15 -5.82 -5.66
CA LEU B 135 -18.21 -4.93 -6.12
C LEU B 135 -18.15 -3.56 -5.43
N ALA B 136 -17.26 -3.39 -4.46
CA ALA B 136 -17.15 -2.13 -3.70
C ALA B 136 -16.78 -0.91 -4.54
N ARG B 137 -16.18 -1.12 -5.70
CA ARG B 137 -15.78 0.01 -6.54
C ARG B 137 -15.98 -0.28 -8.02
N ASN B 138 -16.16 0.78 -8.79
CA ASN B 138 -16.28 0.65 -10.24
C ASN B 138 -14.85 0.94 -10.72
N PRO B 139 -14.49 0.51 -11.93
CA PRO B 139 -15.30 -0.22 -12.92
C PRO B 139 -15.52 -1.72 -12.62
N SER B 140 -14.73 -2.29 -11.73
CA SER B 140 -14.88 -3.71 -11.45
C SER B 140 -16.31 -4.13 -11.09
N ARG B 141 -17.04 -3.26 -10.40
CA ARG B 141 -18.41 -3.61 -10.01
C ARG B 141 -19.33 -3.84 -11.19
N GLU B 142 -19.38 -2.89 -12.11
CA GLU B 142 -20.24 -3.04 -13.28
C GLU B 142 -19.74 -4.16 -14.16
N THR B 143 -18.43 -4.36 -14.19
CA THR B 143 -17.85 -5.42 -15.01
C THR B 143 -18.30 -6.79 -14.50
N VAL B 144 -18.11 -7.03 -13.21
CA VAL B 144 -18.48 -8.29 -12.60
C VAL B 144 -19.97 -8.56 -12.77
N MSE B 145 -20.81 -7.57 -12.48
CA MSE B 145 -22.24 -7.74 -12.62
C MSE B 145 -22.62 -8.09 -14.05
O MSE B 145 -23.51 -8.93 -14.27
CB MSE B 145 -22.99 -6.48 -12.17
CG MSE B 145 -22.85 -6.16 -10.68
SE MSE B 145 -23.39 -7.60 -9.48
CE MSE B 145 -25.26 -7.67 -9.97
N LYS B 146 -21.98 -7.46 -15.03
CA LYS B 146 -22.28 -7.75 -16.42
C LYS B 146 -21.86 -9.18 -16.79
N VAL B 147 -20.68 -9.61 -16.34
CA VAL B 147 -20.21 -10.97 -16.62
C VAL B 147 -21.20 -12.01 -16.05
N ILE B 148 -21.60 -11.80 -14.80
CA ILE B 148 -22.53 -12.73 -14.13
C ILE B 148 -23.85 -12.80 -14.91
N LYS B 149 -24.43 -11.65 -15.20
CA LYS B 149 -25.69 -11.62 -15.94
C LYS B 149 -25.57 -12.31 -17.30
N LYS B 150 -24.39 -12.18 -17.91
CA LYS B 150 -24.10 -12.75 -19.20
C LYS B 150 -24.01 -14.28 -19.25
N ILE B 151 -23.38 -14.90 -18.24
CA ILE B 151 -23.22 -16.35 -18.22
C ILE B 151 -24.34 -17.07 -17.46
N LYS B 152 -25.21 -16.31 -16.80
CA LYS B 152 -26.29 -16.91 -16.04
C LYS B 152 -27.06 -17.90 -16.92
N GLY B 153 -27.10 -19.16 -16.48
CA GLY B 153 -27.80 -20.18 -17.23
C GLY B 153 -26.86 -21.26 -17.70
N SER B 154 -25.64 -20.89 -18.05
CA SER B 154 -24.65 -21.84 -18.51
C SER B 154 -23.76 -22.29 -17.38
N SER B 155 -23.77 -21.53 -16.29
CA SER B 155 -22.94 -21.84 -15.14
C SER B 155 -23.68 -21.56 -13.85
N LEU B 156 -23.39 -22.36 -12.83
CA LEU B 156 -23.98 -22.14 -11.52
C LEU B 156 -23.25 -20.95 -10.94
N ILE B 157 -23.98 -20.04 -10.32
CA ILE B 157 -23.37 -18.86 -9.74
C ILE B 157 -23.36 -18.87 -8.21
N ALA B 158 -22.15 -18.86 -7.64
CA ALA B 158 -21.97 -18.85 -6.20
C ALA B 158 -21.54 -17.45 -5.74
N PHE B 159 -22.11 -16.99 -4.63
CA PHE B 159 -21.83 -15.68 -4.09
C PHE B 159 -21.59 -15.69 -2.58
N ASP B 160 -20.39 -15.32 -2.17
CA ASP B 160 -20.03 -15.25 -0.76
C ASP B 160 -20.27 -13.79 -0.34
N VAL B 161 -21.29 -13.57 0.49
CA VAL B 161 -21.62 -12.22 0.92
C VAL B 161 -20.41 -11.45 1.42
N ASN B 162 -19.64 -12.06 2.32
CA ASN B 162 -18.41 -11.45 2.85
C ASN B 162 -18.52 -9.92 2.92
N LEU B 163 -19.44 -9.44 3.74
CA LEU B 163 -19.68 -8.02 3.86
C LEU B 163 -18.66 -7.26 4.71
N ARG B 164 -18.17 -6.15 4.17
CA ARG B 164 -17.20 -5.30 4.85
C ARG B 164 -17.75 -3.88 4.78
N LEU B 165 -18.45 -3.46 5.83
CA LEU B 165 -19.06 -2.14 5.83
C LEU B 165 -18.11 -0.96 5.56
N ASP B 166 -16.87 -1.07 6.02
CA ASP B 166 -15.91 0.00 5.80
C ASP B 166 -15.74 0.31 4.33
N LEU B 167 -15.89 -0.70 3.48
CA LEU B 167 -15.71 -0.51 2.06
C LEU B 167 -16.88 0.18 1.36
N TRP B 168 -17.97 0.43 2.07
CA TRP B 168 -19.14 1.07 1.46
C TRP B 168 -19.58 2.38 2.11
N ARG B 169 -18.77 2.92 3.00
CA ARG B 169 -19.16 4.17 3.63
C ARG B 169 -19.46 5.22 2.55
N GLY B 170 -20.61 5.88 2.68
CA GLY B 170 -20.98 6.90 1.72
C GLY B 170 -21.79 6.36 0.56
N GLN B 171 -21.92 5.04 0.47
CA GLN B 171 -22.69 4.43 -0.61
C GLN B 171 -23.48 3.22 -0.10
N GLU B 172 -24.00 3.31 1.12
CA GLU B 172 -24.76 2.21 1.70
C GLU B 172 -26.02 1.92 0.91
N GLU B 173 -26.59 2.94 0.29
CA GLU B 173 -27.80 2.72 -0.47
C GLU B 173 -27.51 1.84 -1.68
N GLU B 174 -26.39 2.11 -2.37
CA GLU B 174 -26.01 1.33 -3.53
C GLU B 174 -25.58 -0.07 -3.13
N MSE B 175 -24.98 -0.18 -1.94
CA MSE B 175 -24.53 -1.47 -1.44
C MSE B 175 -25.71 -2.43 -1.37
O MSE B 175 -25.66 -3.56 -1.89
CB MSE B 175 -23.92 -1.31 -0.05
CG MSE B 175 -23.56 -2.65 0.58
SE MSE B 175 -22.81 -2.55 2.36
CE MSE B 175 -24.43 -2.46 3.40
N ILE B 176 -26.78 -1.99 -0.72
CA ILE B 176 -27.99 -2.79 -0.58
C ILE B 176 -28.47 -3.23 -1.94
N LYS B 177 -28.44 -2.31 -2.90
CA LYS B 177 -28.90 -2.63 -4.23
C LYS B 177 -28.06 -3.66 -4.96
N VAL B 178 -26.73 -3.52 -4.93
CA VAL B 178 -25.88 -4.48 -5.63
C VAL B 178 -25.85 -5.84 -4.93
N LEU B 179 -25.92 -5.84 -3.59
CA LEU B 179 -25.90 -7.08 -2.86
C LEU B 179 -27.16 -7.88 -3.16
N GLU B 180 -28.29 -7.21 -3.09
CA GLU B 180 -29.57 -7.85 -3.37
C GLU B 180 -29.56 -8.40 -4.78
N GLU B 181 -29.10 -7.59 -5.73
CA GLU B 181 -29.04 -8.00 -7.12
C GLU B 181 -28.12 -9.21 -7.31
N SER B 182 -27.01 -9.23 -6.58
CA SER B 182 -26.06 -10.33 -6.68
C SER B 182 -26.69 -11.60 -6.13
N ILE B 183 -27.31 -11.49 -4.97
CA ILE B 183 -27.94 -12.63 -4.35
C ILE B 183 -28.96 -13.25 -5.30
N LYS B 184 -29.88 -12.41 -5.82
CA LYS B 184 -30.90 -12.91 -6.74
C LYS B 184 -30.28 -13.62 -7.94
N LEU B 185 -29.06 -13.21 -8.32
CA LEU B 185 -28.39 -13.82 -9.45
C LEU B 185 -27.66 -15.10 -9.05
N ALA B 186 -27.57 -15.35 -7.75
CA ALA B 186 -26.86 -16.52 -7.27
C ALA B 186 -27.65 -17.79 -7.02
N ASP B 187 -27.10 -18.90 -7.48
CA ASP B 187 -27.69 -20.21 -7.27
C ASP B 187 -27.22 -20.68 -5.89
N ILE B 188 -26.00 -20.29 -5.53
CA ILE B 188 -25.39 -20.67 -4.27
C ILE B 188 -25.00 -19.41 -3.48
N VAL B 189 -25.50 -19.28 -2.26
CA VAL B 189 -25.20 -18.11 -1.42
C VAL B 189 -24.63 -18.51 -0.06
N LYS B 190 -23.45 -18.00 0.27
CA LYS B 190 -22.80 -18.28 1.54
C LYS B 190 -22.77 -17.01 2.38
N ALA B 191 -23.13 -17.13 3.66
CA ALA B 191 -23.13 -15.97 4.52
C ALA B 191 -23.11 -16.34 5.99
N SER B 192 -22.82 -15.35 6.83
CA SER B 192 -22.78 -15.56 8.27
C SER B 192 -24.14 -15.11 8.80
N GLU B 193 -24.53 -15.62 9.97
CA GLU B 193 -25.81 -15.25 10.54
C GLU B 193 -25.84 -13.74 10.73
N GLU B 194 -24.70 -13.14 11.06
CA GLU B 194 -24.64 -11.69 11.24
C GLU B 194 -25.06 -11.01 9.93
N GLU B 195 -24.48 -11.46 8.83
CA GLU B 195 -24.79 -10.92 7.51
C GLU B 195 -26.24 -11.15 7.13
N VAL B 196 -26.78 -12.31 7.50
CA VAL B 196 -28.17 -12.65 7.20
C VAL B 196 -29.09 -11.70 7.94
N LEU B 197 -28.84 -11.50 9.23
CA LEU B 197 -29.66 -10.60 10.04
C LEU B 197 -29.59 -9.17 9.50
N TYR B 198 -28.37 -8.64 9.43
CA TYR B 198 -28.14 -7.28 8.93
C TYR B 198 -28.90 -7.01 7.63
N LEU B 199 -28.69 -7.88 6.64
CA LEU B 199 -29.34 -7.71 5.35
C LEU B 199 -30.85 -7.86 5.42
N GLU B 200 -31.34 -8.94 6.03
CA GLU B 200 -32.78 -9.15 6.12
C GLU B 200 -33.42 -8.02 6.89
N ASN B 201 -32.63 -7.35 7.73
CA ASN B 201 -33.12 -6.22 8.51
C ASN B 201 -33.26 -4.98 7.63
N GLN B 202 -33.13 -5.17 6.32
CA GLN B 202 -33.26 -4.07 5.37
C GLN B 202 -34.00 -4.53 4.13
N GLY B 203 -34.92 -5.46 4.33
CA GLY B 203 -35.73 -5.96 3.23
C GLY B 203 -35.05 -6.83 2.20
N VAL B 204 -33.86 -7.32 2.51
CA VAL B 204 -33.12 -8.17 1.58
C VAL B 204 -33.05 -9.62 2.06
N GLU B 205 -33.62 -10.54 1.29
CA GLU B 205 -33.59 -11.94 1.69
C GLU B 205 -32.30 -12.61 1.24
N VAL B 206 -31.50 -13.04 2.21
CA VAL B 206 -30.22 -13.69 1.93
C VAL B 206 -30.40 -15.17 1.67
N LYS B 207 -30.72 -15.52 0.43
CA LYS B 207 -30.93 -16.91 0.07
C LYS B 207 -30.53 -17.19 -1.38
N GLY B 208 -30.00 -18.39 -1.61
CA GLY B 208 -29.60 -18.76 -2.96
C GLY B 208 -30.79 -19.47 -3.57
N SER B 209 -30.85 -19.53 -4.90
CA SER B 209 -31.96 -20.18 -5.58
C SER B 209 -31.83 -21.71 -5.52
N MSE B 210 -30.61 -22.19 -5.36
CA MSE B 210 -30.39 -23.62 -5.30
C MSE B 210 -29.96 -24.06 -3.91
O MSE B 210 -30.49 -25.03 -3.36
CB MSE B 210 -29.33 -24.05 -6.30
CG MSE B 210 -28.98 -25.53 -6.21
SE MSE B 210 -27.42 -26.11 -7.21
CE MSE B 210 -28.24 -26.28 -8.95
N LEU B 211 -28.99 -23.35 -3.34
CA LEU B 211 -28.48 -23.69 -2.02
C LEU B 211 -28.01 -22.47 -1.22
N THR B 212 -28.22 -22.53 0.09
CA THR B 212 -27.79 -21.45 0.98
C THR B 212 -27.00 -22.04 2.13
N ALA B 213 -25.85 -21.43 2.42
CA ALA B 213 -25.00 -21.89 3.51
C ALA B 213 -24.82 -20.74 4.48
N ILE B 214 -25.25 -20.93 5.72
CA ILE B 214 -25.13 -19.89 6.72
C ILE B 214 -24.14 -20.36 7.79
N THR B 215 -23.04 -19.61 7.96
CA THR B 215 -22.04 -19.96 8.96
C THR B 215 -22.48 -19.46 10.32
N LEU B 216 -22.27 -20.27 11.34
CA LEU B 216 -22.68 -19.92 12.70
C LEU B 216 -21.52 -19.73 13.64
N GLY B 217 -20.38 -19.32 13.10
CA GLY B 217 -19.20 -19.12 13.92
C GLY B 217 -18.77 -20.36 14.69
N PRO B 218 -18.97 -20.39 16.01
CA PRO B 218 -18.59 -21.53 16.86
C PRO B 218 -19.55 -22.73 16.80
N LYS B 219 -20.81 -22.48 16.47
CA LYS B 219 -21.81 -23.54 16.38
C LYS B 219 -21.75 -24.33 15.06
N GLY B 220 -20.83 -23.95 14.18
CA GLY B 220 -20.70 -24.64 12.92
C GLY B 220 -21.44 -23.88 11.83
N PHE B 221 -22.22 -24.60 11.02
CA PHE B 221 -22.95 -23.97 9.94
C PHE B 221 -24.26 -24.66 9.63
N ARG B 222 -25.01 -24.09 8.70
CA ARG B 222 -26.31 -24.62 8.32
C ARG B 222 -26.49 -24.59 6.80
N LEU B 223 -27.00 -25.69 6.24
CA LEU B 223 -27.23 -25.80 4.80
C LEU B 223 -28.74 -25.82 4.52
N ILE B 224 -29.22 -24.77 3.86
CA ILE B 224 -30.63 -24.61 3.53
C ILE B 224 -30.97 -24.75 2.04
N LYS B 225 -31.95 -25.58 1.74
CA LYS B 225 -32.47 -25.75 0.38
C LYS B 225 -33.97 -26.00 0.42
N ASN B 226 -34.70 -25.23 -0.38
CA ASN B 226 -36.15 -25.35 -0.46
C ASN B 226 -36.83 -25.80 0.84
N GLU B 227 -36.68 -25.00 1.90
CA GLU B 227 -37.32 -25.29 3.19
C GLU B 227 -36.70 -26.50 3.92
N THR B 228 -35.77 -27.21 3.29
CA THR B 228 -35.09 -28.34 3.91
C THR B 228 -33.80 -27.83 4.55
N VAL B 229 -33.78 -27.79 5.89
CA VAL B 229 -32.62 -27.29 6.62
C VAL B 229 -31.80 -28.35 7.35
N VAL B 230 -30.48 -28.27 7.22
CA VAL B 230 -29.59 -29.23 7.87
C VAL B 230 -28.50 -28.49 8.64
N ASP B 231 -28.45 -28.74 9.94
CA ASP B 231 -27.47 -28.09 10.80
C ASP B 231 -26.26 -28.98 11.02
N VAL B 232 -25.08 -28.37 10.98
CA VAL B 232 -23.85 -29.12 11.15
C VAL B 232 -22.95 -28.50 12.20
N PRO B 233 -22.89 -29.10 13.41
CA PRO B 233 -22.04 -28.55 14.45
C PRO B 233 -20.57 -28.72 14.04
N SER B 234 -19.71 -27.84 14.53
CA SER B 234 -18.31 -27.91 14.17
C SER B 234 -17.54 -28.94 14.99
N TYR B 235 -16.51 -29.51 14.39
CA TYR B 235 -15.70 -30.47 15.10
C TYR B 235 -14.90 -29.77 16.19
N ASN B 236 -14.67 -30.47 17.29
CA ASN B 236 -13.93 -29.92 18.42
C ASN B 236 -12.46 -30.31 18.26
N VAL B 237 -11.66 -29.41 17.69
CA VAL B 237 -10.25 -29.67 17.48
C VAL B 237 -9.42 -28.51 18.03
N ASN B 238 -8.10 -28.65 18.07
CA ASN B 238 -7.24 -27.57 18.57
C ASN B 238 -6.73 -26.79 17.36
N PRO B 239 -7.33 -25.64 17.09
CA PRO B 239 -6.91 -24.83 15.94
C PRO B 239 -5.52 -24.23 16.12
N LEU B 240 -4.78 -24.17 15.02
CA LEU B 240 -3.48 -23.54 15.04
C LEU B 240 -3.70 -22.18 14.38
N ASP B 241 -4.60 -22.15 13.41
CA ASP B 241 -4.93 -20.92 12.69
C ASP B 241 -6.25 -21.11 11.93
N THR B 242 -7.24 -20.28 12.22
CA THR B 242 -8.54 -20.39 11.56
C THR B 242 -8.71 -19.36 10.44
N THR B 243 -7.66 -18.60 10.19
CA THR B 243 -7.67 -17.55 9.17
C THR B 243 -8.33 -17.96 7.86
N GLY B 244 -7.90 -19.08 7.29
CA GLY B 244 -8.47 -19.53 6.03
C GLY B 244 -9.63 -20.50 6.08
N ALA B 245 -10.18 -20.76 7.26
CA ALA B 245 -11.29 -21.71 7.40
C ALA B 245 -12.49 -21.40 6.50
N GLY B 246 -12.97 -20.17 6.57
CA GLY B 246 -14.11 -19.74 5.77
C GLY B 246 -13.96 -20.03 4.27
N ASP B 247 -12.82 -19.67 3.69
CA ASP B 247 -12.61 -19.92 2.27
C ASP B 247 -12.40 -21.41 1.99
N ALA B 248 -11.88 -22.14 2.98
CA ALA B 248 -11.67 -23.58 2.83
C ALA B 248 -13.06 -24.20 2.75
N PHE B 249 -13.97 -23.68 3.57
CA PHE B 249 -15.35 -24.15 3.60
C PHE B 249 -16.01 -23.92 2.24
N MSE B 250 -15.89 -22.69 1.74
CA MSE B 250 -16.50 -22.35 0.47
C MSE B 250 -15.95 -23.24 -0.63
O MSE B 250 -16.70 -23.71 -1.48
CB MSE B 250 -16.26 -20.88 0.12
CG MSE B 250 -16.90 -20.47 -1.20
SE MSE B 250 -18.83 -20.72 -1.26
CE MSE B 250 -19.34 -18.91 -1.74
N ALA B 251 -14.64 -23.47 -0.63
CA ALA B 251 -14.05 -24.30 -1.66
C ALA B 251 -14.70 -25.68 -1.61
N ALA B 252 -14.72 -26.26 -0.41
CA ALA B 252 -15.31 -27.59 -0.23
C ALA B 252 -16.76 -27.64 -0.74
N LEU B 253 -17.54 -26.66 -0.32
CA LEU B 253 -18.95 -26.57 -0.68
C LEU B 253 -19.16 -26.57 -2.20
N LEU B 254 -18.35 -25.80 -2.93
CA LEU B 254 -18.45 -25.73 -4.38
C LEU B 254 -17.99 -27.02 -5.03
N VAL B 255 -16.92 -27.60 -4.51
CA VAL B 255 -16.39 -28.84 -5.05
C VAL B 255 -17.40 -29.95 -4.85
N GLY B 256 -18.00 -29.99 -3.66
CA GLY B 256 -19.01 -31.00 -3.36
C GLY B 256 -20.21 -30.89 -4.28
N ILE B 257 -20.73 -29.67 -4.43
CA ILE B 257 -21.88 -29.41 -5.28
C ILE B 257 -21.54 -29.89 -6.68
N LEU B 258 -20.34 -29.56 -7.13
CA LEU B 258 -19.91 -29.96 -8.46
C LEU B 258 -19.77 -31.47 -8.61
N LYS B 259 -19.39 -32.14 -7.53
CA LYS B 259 -19.16 -33.59 -7.57
C LYS B 259 -20.32 -34.55 -7.35
N LEU B 260 -21.20 -34.28 -6.39
CA LEU B 260 -22.30 -35.21 -6.12
C LEU B 260 -23.52 -35.00 -7.04
N LYS B 261 -24.17 -36.12 -7.40
CA LYS B 261 -25.34 -36.08 -8.28
C LYS B 261 -26.32 -34.98 -7.86
N GLY B 262 -27.17 -35.32 -6.90
CA GLY B 262 -28.12 -34.34 -6.40
C GLY B 262 -27.46 -33.60 -5.26
N LEU B 263 -28.10 -32.56 -4.76
CA LEU B 263 -27.50 -31.82 -3.66
C LEU B 263 -27.86 -32.46 -2.33
N ASP B 264 -27.18 -33.55 -1.98
CA ASP B 264 -27.40 -34.26 -0.73
C ASP B 264 -26.80 -33.51 0.47
N LEU B 265 -27.60 -32.65 1.06
CA LEU B 265 -27.18 -31.85 2.20
C LEU B 265 -26.33 -32.53 3.26
N LEU B 266 -26.65 -33.78 3.58
CA LEU B 266 -25.89 -34.51 4.60
C LEU B 266 -24.46 -34.77 4.18
N LYS B 267 -24.27 -35.38 3.02
CA LYS B 267 -22.94 -35.68 2.54
C LYS B 267 -22.15 -34.39 2.29
N LEU B 268 -22.83 -33.38 1.76
CA LEU B 268 -22.20 -32.10 1.47
C LEU B 268 -21.73 -31.45 2.77
N GLY B 269 -22.60 -31.45 3.77
CA GLY B 269 -22.26 -30.86 5.05
C GLY B 269 -21.10 -31.54 5.74
N LYS B 270 -21.10 -32.87 5.74
CA LYS B 270 -20.02 -33.60 6.38
C LYS B 270 -18.71 -33.33 5.68
N PHE B 271 -18.74 -33.24 4.35
CA PHE B 271 -17.54 -32.98 3.56
C PHE B 271 -16.98 -31.58 3.80
N ALA B 272 -17.87 -30.60 3.73
CA ALA B 272 -17.50 -29.20 3.94
C ALA B 272 -16.88 -29.05 5.32
N ASN B 273 -17.58 -29.60 6.31
CA ASN B 273 -17.17 -29.55 7.71
C ASN B 273 -15.77 -30.12 7.92
N LEU B 274 -15.52 -31.28 7.31
CA LEU B 274 -14.24 -31.95 7.42
C LEU B 274 -13.11 -31.06 6.91
N VAL B 275 -13.31 -30.52 5.71
CA VAL B 275 -12.33 -29.64 5.08
C VAL B 275 -12.03 -28.42 5.95
N ALA B 276 -13.08 -27.75 6.41
CA ALA B 276 -12.88 -26.58 7.25
C ALA B 276 -12.12 -26.95 8.52
N ALA B 277 -12.62 -27.95 9.24
CA ALA B 277 -12.00 -28.41 10.49
C ALA B 277 -10.50 -28.66 10.31
N LEU B 278 -10.14 -29.36 9.25
CA LEU B 278 -8.74 -29.66 9.00
C LEU B 278 -7.95 -28.44 8.56
N SER B 279 -8.63 -27.47 7.94
CA SER B 279 -7.94 -26.28 7.48
C SER B 279 -7.33 -25.54 8.66
N THR B 280 -7.94 -25.69 9.83
CA THR B 280 -7.46 -25.03 11.04
C THR B 280 -6.16 -25.58 11.56
N GLN B 281 -5.58 -26.56 10.87
CA GLN B 281 -4.30 -27.13 11.28
C GLN B 281 -3.19 -26.62 10.39
N LYS B 282 -3.53 -25.68 9.50
CA LYS B 282 -2.58 -25.07 8.58
C LYS B 282 -2.60 -23.55 8.77
N ARG B 283 -1.44 -22.92 8.63
CA ARG B 283 -1.34 -21.47 8.80
C ARG B 283 -1.64 -20.72 7.50
N GLY B 284 -2.11 -19.49 7.63
CA GLY B 284 -2.37 -18.67 6.45
C GLY B 284 -3.74 -18.65 5.81
N ALA B 285 -3.86 -17.83 4.77
CA ALA B 285 -5.12 -17.69 4.05
C ALA B 285 -5.39 -18.85 3.10
N TRP B 286 -4.37 -19.67 2.84
CA TRP B 286 -4.51 -20.82 1.95
C TRP B 286 -4.27 -22.04 2.82
N SER B 287 -5.28 -22.38 3.62
CA SER B 287 -5.15 -23.52 4.53
C SER B 287 -5.95 -24.76 4.18
N THR B 288 -6.59 -24.76 3.01
CA THR B 288 -7.37 -25.92 2.57
C THR B 288 -6.48 -27.16 2.44
N PRO B 289 -6.91 -28.28 3.03
CA PRO B 289 -6.13 -29.52 2.96
C PRO B 289 -6.14 -30.11 1.55
N ARG B 290 -5.08 -30.85 1.22
CA ARG B 290 -4.96 -31.46 -0.10
C ARG B 290 -5.79 -32.72 -0.20
N LYS B 291 -6.20 -33.05 -1.43
CA LYS B 291 -7.04 -34.22 -1.66
C LYS B 291 -6.49 -35.45 -0.95
N ASP B 292 -5.17 -35.64 -1.02
CA ASP B 292 -4.54 -36.79 -0.39
C ASP B 292 -4.86 -36.95 1.08
N GLU B 293 -4.54 -35.95 1.87
CA GLU B 293 -4.79 -35.96 3.31
C GLU B 293 -6.25 -36.28 3.62
N LEU B 294 -7.12 -36.04 2.64
CA LEU B 294 -8.56 -36.26 2.81
C LEU B 294 -9.09 -37.65 2.44
N LEU B 295 -8.42 -38.36 1.56
CA LEU B 295 -8.88 -39.69 1.15
C LEU B 295 -8.92 -40.70 2.30
N LYS B 296 -8.13 -40.43 3.33
CA LYS B 296 -8.07 -41.29 4.51
C LYS B 296 -9.43 -41.24 5.21
N TYR B 297 -10.25 -40.25 4.85
CA TYR B 297 -11.57 -40.07 5.45
C TYR B 297 -12.69 -40.55 4.53
N LYS B 298 -13.68 -41.22 5.12
CA LYS B 298 -14.82 -41.75 4.39
C LYS B 298 -15.75 -40.60 3.95
N GLU B 299 -15.80 -39.56 4.76
CA GLU B 299 -16.63 -38.40 4.47
C GLU B 299 -16.10 -37.62 3.28
N ALA B 300 -14.88 -37.94 2.86
CA ALA B 300 -14.25 -37.27 1.73
C ALA B 300 -14.28 -38.17 0.49
N ARG B 301 -14.13 -39.48 0.70
CA ARG B 301 -14.13 -40.43 -0.42
C ARG B 301 -15.49 -40.36 -1.09
N GLU B 302 -16.50 -40.11 -0.27
CA GLU B 302 -17.90 -40.00 -0.70
C GLU B 302 -18.10 -38.90 -1.75
N VAL B 303 -17.17 -37.94 -1.81
CA VAL B 303 -17.28 -36.82 -2.74
C VAL B 303 -16.13 -36.71 -3.74
N LEU B 304 -14.91 -37.02 -3.32
CA LEU B 304 -13.76 -36.92 -4.20
C LEU B 304 -13.39 -38.23 -4.84
N ALA B 305 -13.40 -39.30 -4.05
CA ALA B 305 -13.06 -40.63 -4.55
C ALA B 305 -14.24 -41.22 -5.33
PG ANP C . 20.26 10.29 -2.79
O1G ANP C . 19.17 11.16 -2.19
O2G ANP C . 20.17 10.10 -4.28
O3G ANP C . 20.33 8.95 -2.09
PB ANP C . 22.00 12.59 -1.67
O1B ANP C . 23.02 13.46 -2.35
O2B ANP C . 20.65 13.14 -1.39
N3B ANP C . 21.79 11.06 -2.49
PA ANP C . 23.95 11.16 0.04
O1A ANP C . 23.62 10.07 1.05
O2A ANP C . 24.57 10.76 -1.25
O3A ANP C . 22.62 12.08 -0.26
O5' ANP C . 24.86 12.30 0.71
C5' ANP C . 24.56 12.96 1.94
C4' ANP C . 25.84 13.58 2.52
O4' ANP C . 26.06 12.87 3.74
C3' ANP C . 27.15 13.37 1.74
O3' ANP C . 27.42 14.38 0.79
C2' ANP C . 28.17 13.30 2.81
O2' ANP C . 28.70 14.58 3.15
C1' ANP C . 27.45 12.65 3.97
N9 ANP C . 27.80 11.18 3.94
C8 ANP C . 27.18 10.14 3.29
N7 ANP C . 27.80 8.95 3.53
C5 ANP C . 28.84 9.21 4.34
C6 ANP C . 29.94 8.44 5.00
N6 ANP C . 30.05 7.11 4.83
N1 ANP C . 30.84 9.13 5.79
C2 ANP C . 30.78 10.50 6.01
N3 ANP C . 29.81 11.26 5.43
C4 ANP C . 28.84 10.69 4.62
C1 GOL D . 6.39 2.18 -8.62
O1 GOL D . 7.60 2.43 -7.83
C2 GOL D . 6.13 3.22 -9.72
O2 GOL D . 5.43 2.60 -10.81
C3 GOL D . 5.22 4.28 -9.07
O3 GOL D . 4.02 4.49 -9.73
C1 GOL E . -9.93 0.89 3.96
O1 GOL E . -10.06 -0.39 4.66
C2 GOL E . -11.22 1.33 3.27
O2 GOL E . -11.41 2.76 3.48
C3 GOL E . -10.99 1.09 1.79
O3 GOL E . -11.06 2.22 1.01
#